data_9EFC
#
_entry.id   9EFC
#
_cell.length_a   75.080
_cell.length_b   92.110
_cell.length_c   96.450
_cell.angle_alpha   90.00
_cell.angle_beta   90.00
_cell.angle_gamma   90.00
#
_symmetry.space_group_name_H-M   'P 21 21 21'
#
loop_
_entity.id
_entity.type
_entity.pdbx_description
1 polymer 'Hdac6 protein'
2 non-polymer N-hydroxy-4-({(methanesulfonyl)[(pyridin-3-yl)methyl]amino}methyl)benzamide
3 non-polymer 'ZINC ION'
4 non-polymer 'POTASSIUM ION'
5 water water
#
_entity_poly.entity_id   1
_entity_poly.type   'polypeptide(L)'
_entity_poly.pdbx_seq_one_letter_code
;SPITGLVYDQRMMLHHNMWDSHHPELPQRISRIFSRHEELRLLSRCHRIPARLATEEELALCHSSKHISIIKSSEHMKPR
DLNRLGDEYNSIFISNESYTCALLAAGSCFNSAQAILTGQVRNAVAIVRPPGHHAEKDTACGFCFFNTAALTARYAQSIT
RESLRVLIVDWDVHHGNGTQHIFEEDDSVLYISLHRYEDGAFFPNSEDANYDKVGLGKGRGYNVNIPWNGGKMGDPEYMA
AFHHLVMPIAREFAPELVLVSAGFDAARGDPLGGFQVTPEGYAHLTHQLMSLAAGRVLIILEGGYNLTSISESMSMCTSM
LLGDSPPSLDHLTPLKTSATVSINNVLRAHAPFWSSLR
;
_entity_poly.pdbx_strand_id   A,B
#
# COMPACT_ATOMS: atom_id res chain seq x y z
N PRO A 2 0.96 -29.52 5.56
CA PRO A 2 0.11 -28.33 5.72
C PRO A 2 0.95 -27.06 5.87
N ILE A 3 2.09 -27.02 5.19
CA ILE A 3 3.04 -25.92 5.29
C ILE A 3 3.09 -25.20 3.95
N THR A 4 3.06 -23.86 3.99
CA THR A 4 3.20 -23.03 2.80
C THR A 4 4.56 -22.33 2.83
N GLY A 5 5.32 -22.49 1.75
CA GLY A 5 6.59 -21.79 1.61
C GLY A 5 6.42 -20.40 1.02
N LEU A 6 7.33 -19.50 1.38
CA LEU A 6 7.35 -18.15 0.83
C LEU A 6 8.80 -17.78 0.57
N VAL A 7 9.08 -17.30 -0.64
CA VAL A 7 10.41 -16.79 -0.97
C VAL A 7 10.30 -15.31 -1.35
N TYR A 8 11.16 -14.49 -0.76
CA TYR A 8 11.27 -13.07 -1.06
C TYR A 8 12.68 -12.64 -0.70
N ASP A 9 13.32 -11.89 -1.58
CA ASP A 9 14.67 -11.42 -1.32
C ASP A 9 14.80 -9.99 -1.84
N GLN A 10 15.15 -9.06 -0.93
CA GLN A 10 15.27 -7.65 -1.25
C GLN A 10 16.25 -7.38 -2.39
N ARG A 11 17.21 -8.28 -2.61
CA ARG A 11 18.20 -8.06 -3.66
C ARG A 11 17.56 -7.93 -5.04
N MET A 12 16.39 -8.53 -5.24
CA MET A 12 15.70 -8.42 -6.52
C MET A 12 15.16 -7.01 -6.78
N MET A 13 15.17 -6.12 -5.78
CA MET A 13 14.82 -4.73 -6.02
C MET A 13 15.89 -3.95 -6.76
N LEU A 14 17.11 -4.50 -6.91
CA LEU A 14 18.22 -3.71 -7.45
C LEU A 14 18.07 -3.46 -8.95
N HIS A 15 17.38 -4.35 -9.68
CA HIS A 15 17.05 -4.12 -11.08
C HIS A 15 16.18 -2.87 -11.22
N HIS A 16 16.64 -1.89 -12.00
CA HIS A 16 15.93 -0.62 -12.06
C HIS A 16 16.12 0.05 -13.40
N ASN A 17 15.27 1.04 -13.68
CA ASN A 17 15.29 1.79 -14.92
C ASN A 17 15.96 3.14 -14.64
N MET A 18 17.18 3.30 -15.11
CA MET A 18 17.93 4.50 -14.74
C MET A 18 17.50 5.74 -15.51
N TRP A 19 16.85 5.58 -16.66
CA TRP A 19 16.38 6.73 -17.43
C TRP A 19 14.95 7.13 -17.12
N ASP A 20 14.11 6.17 -16.73
CA ASP A 20 12.71 6.39 -16.40
C ASP A 20 12.45 5.75 -15.05
N SER A 21 12.74 6.50 -13.98
CA SER A 21 12.63 5.94 -12.64
C SER A 21 11.19 5.67 -12.22
N HIS A 22 10.20 6.21 -12.94
CA HIS A 22 8.80 5.93 -12.67
C HIS A 22 8.22 4.84 -13.55
N HIS A 23 9.07 4.10 -14.26
CA HIS A 23 8.59 3.00 -15.08
C HIS A 23 7.80 2.02 -14.20
N PRO A 24 6.67 1.49 -14.70
CA PRO A 24 5.77 0.73 -13.82
C PRO A 24 6.35 -0.55 -13.23
N GLU A 25 7.34 -1.18 -13.85
CA GLU A 25 7.95 -2.41 -13.32
C GLU A 25 8.97 -2.01 -12.25
N LEU A 26 8.42 -1.59 -11.08
CA LEU A 26 9.16 -0.90 -10.03
C LEU A 26 9.80 -1.90 -9.07
N PRO A 27 10.97 -1.54 -8.55
CA PRO A 27 11.55 -2.32 -7.44
C PRO A 27 10.55 -2.58 -6.31
N GLN A 28 9.74 -1.58 -5.96
CA GLN A 28 8.84 -1.71 -4.83
C GLN A 28 7.64 -2.62 -5.09
N ARG A 29 7.47 -3.15 -6.30
CA ARG A 29 6.44 -4.16 -6.51
C ARG A 29 6.60 -5.30 -5.51
N ILE A 30 7.82 -5.82 -5.35
CA ILE A 30 8.00 -6.99 -4.50
C ILE A 30 8.02 -6.62 -3.03
N SER A 31 8.62 -5.48 -2.67
CA SER A 31 8.63 -5.09 -1.27
C SER A 31 7.22 -4.74 -0.78
N ARG A 32 6.37 -4.19 -1.66
CA ARG A 32 5.01 -3.88 -1.24
C ARG A 32 4.20 -5.16 -1.01
N ILE A 33 4.34 -6.15 -1.88
CA ILE A 33 3.63 -7.41 -1.66
C ILE A 33 4.09 -8.05 -0.36
N PHE A 34 5.41 -8.09 -0.14
CA PHE A 34 5.97 -8.64 1.09
C PHE A 34 5.44 -7.89 2.30
N SER A 35 5.42 -6.55 2.25
CA SER A 35 4.93 -5.77 3.39
C SER A 35 3.47 -6.09 3.69
N ARG A 36 2.64 -6.27 2.66
CA ARG A 36 1.24 -6.58 2.88
C ARG A 36 1.05 -7.95 3.52
N HIS A 37 1.90 -8.92 3.16
CA HIS A 37 1.87 -10.22 3.83
C HIS A 37 2.15 -10.06 5.32
N GLU A 38 3.07 -9.17 5.68
CA GLU A 38 3.37 -8.95 7.08
C GLU A 38 2.23 -8.23 7.79
N GLU A 39 1.67 -7.20 7.13
CA GLU A 39 0.54 -6.45 7.66
C GLU A 39 -0.63 -7.35 7.98
N LEU A 40 -0.87 -8.35 7.14
CA LEU A 40 -1.98 -9.27 7.31
C LEU A 40 -1.62 -10.47 8.17
N ARG A 41 -0.40 -10.52 8.70
CA ARG A 41 0.09 -11.59 9.55
C ARG A 41 0.17 -12.93 8.82
N LEU A 42 0.26 -12.88 7.50
CA LEU A 42 0.43 -14.09 6.70
C LEU A 42 1.88 -14.56 6.68
N LEU A 43 2.82 -13.61 6.74
CA LEU A 43 4.24 -13.97 6.56
C LEU A 43 4.70 -14.95 7.61
N SER A 44 4.36 -14.70 8.88
CA SER A 44 4.79 -15.57 9.96
C SER A 44 4.10 -16.93 9.94
N ARG A 45 3.05 -17.08 9.13
CA ARG A 45 2.38 -18.37 8.96
C ARG A 45 3.04 -19.24 7.90
N CYS A 46 3.99 -18.69 7.17
CA CYS A 46 4.69 -19.38 6.09
C CYS A 46 6.08 -19.81 6.54
N HIS A 47 6.60 -20.83 5.87
CA HIS A 47 8.00 -21.21 6.04
C HIS A 47 8.83 -20.48 5.00
N ARG A 48 9.82 -19.73 5.46
CA ARG A 48 10.64 -18.93 4.56
C ARG A 48 11.61 -19.83 3.79
N ILE A 49 11.56 -19.76 2.47
CA ILE A 49 12.46 -20.50 1.58
C ILE A 49 13.49 -19.52 1.05
N PRO A 50 14.78 -19.84 1.09
CA PRO A 50 15.79 -18.88 0.64
C PRO A 50 15.83 -18.75 -0.86
N ALA A 51 16.20 -17.55 -1.32
CA ALA A 51 16.54 -17.31 -2.70
C ALA A 51 17.95 -17.84 -2.99
N ARG A 52 18.19 -18.14 -4.27
CA ARG A 52 19.52 -18.46 -4.74
C ARG A 52 19.62 -18.07 -6.21
N LEU A 53 20.86 -17.98 -6.69
CA LEU A 53 21.09 -17.75 -8.11
C LEU A 53 20.82 -19.02 -8.89
N ALA A 54 20.07 -18.90 -9.99
CA ALA A 54 20.10 -19.95 -10.99
C ALA A 54 21.51 -20.05 -11.56
N THR A 55 21.90 -21.25 -11.95
CA THR A 55 23.16 -21.44 -12.65
C THR A 55 22.96 -21.27 -14.14
N GLU A 56 24.07 -21.02 -14.85
CA GLU A 56 23.99 -20.94 -16.30
C GLU A 56 23.52 -22.24 -16.92
N GLU A 57 23.93 -23.38 -16.34
CA GLU A 57 23.44 -24.66 -16.83
C GLU A 57 21.93 -24.78 -16.65
N GLU A 58 21.40 -24.30 -15.51
CA GLU A 58 19.95 -24.29 -15.33
C GLU A 58 19.27 -23.39 -16.36
N LEU A 59 19.86 -22.21 -16.64
CA LEU A 59 19.28 -21.35 -17.67
C LEU A 59 19.20 -22.06 -19.02
N ALA A 60 20.16 -22.94 -19.32
CA ALA A 60 20.19 -23.64 -20.60
C ALA A 60 19.08 -24.67 -20.73
N LEU A 61 18.34 -24.96 -19.65
CA LEU A 61 17.15 -25.79 -19.79
C LEU A 61 16.15 -25.17 -20.77
N CYS A 62 16.13 -23.84 -20.87
CA CYS A 62 15.14 -23.17 -21.71
C CYS A 62 15.73 -22.14 -22.66
N HIS A 63 16.95 -21.68 -22.45
CA HIS A 63 17.47 -20.54 -23.19
C HIS A 63 18.75 -20.88 -23.94
N SER A 64 18.94 -20.21 -25.07
CA SER A 64 20.11 -20.38 -25.90
C SER A 64 21.34 -19.80 -25.22
N SER A 65 22.51 -20.34 -25.58
CA SER A 65 23.75 -19.85 -24.99
C SER A 65 24.02 -18.41 -25.38
N LYS A 66 23.66 -18.00 -26.60
CA LYS A 66 23.87 -16.62 -27.01
C LYS A 66 23.06 -15.66 -26.15
N HIS A 67 21.79 -15.98 -25.92
CA HIS A 67 20.94 -15.11 -25.10
C HIS A 67 21.46 -15.02 -23.68
N ILE A 68 21.81 -16.17 -23.07
CA ILE A 68 22.38 -16.16 -21.74
C ILE A 68 23.62 -15.28 -21.71
N SER A 69 24.49 -15.43 -22.70
CA SER A 69 25.76 -14.70 -22.67
C SER A 69 25.56 -13.20 -22.83
N ILE A 70 24.56 -12.79 -23.64
CA ILE A 70 24.31 -11.36 -23.83
C ILE A 70 23.80 -10.72 -22.54
N ILE A 71 22.80 -11.33 -21.91
CA ILE A 71 22.27 -10.76 -20.68
C ILE A 71 23.32 -10.81 -19.57
N LYS A 72 24.10 -11.89 -19.52
CA LYS A 72 25.20 -11.99 -18.56
C LYS A 72 26.20 -10.85 -18.76
N SER A 73 26.53 -10.52 -20.01
CA SER A 73 27.51 -9.48 -20.30
C SER A 73 27.03 -8.10 -19.85
N SER A 74 25.72 -7.90 -19.68
CA SER A 74 25.21 -6.59 -19.30
C SER A 74 25.63 -6.19 -17.88
N GLU A 75 26.03 -7.15 -17.05
CA GLU A 75 26.45 -6.81 -15.69
C GLU A 75 27.63 -5.86 -15.68
N HIS A 76 28.51 -5.93 -16.69
CA HIS A 76 29.70 -5.10 -16.75
C HIS A 76 29.61 -3.98 -17.77
N MET A 77 28.42 -3.68 -18.27
CA MET A 77 28.27 -2.68 -19.31
C MET A 77 28.17 -1.28 -18.72
N LYS A 78 28.65 -0.31 -19.47
CA LYS A 78 28.43 1.09 -19.14
C LYS A 78 27.00 1.49 -19.49
N PRO A 79 26.50 2.57 -18.92
CA PRO A 79 25.12 3.00 -19.22
C PRO A 79 24.81 3.12 -20.69
N ARG A 80 25.74 3.58 -21.51
CA ARG A 80 25.49 3.65 -22.95
C ARG A 80 25.24 2.26 -23.52
N ASP A 81 26.06 1.28 -23.16
CA ASP A 81 25.86 -0.08 -23.62
C ASP A 81 24.52 -0.62 -23.15
N LEU A 82 24.17 -0.33 -21.89
CA LEU A 82 22.93 -0.84 -21.30
C LEU A 82 21.71 -0.27 -22.00
N ASN A 83 21.71 1.03 -22.26
CA ASN A 83 20.58 1.66 -22.96
C ASN A 83 20.40 1.07 -24.35
N ARG A 84 21.50 0.97 -25.12
CA ARG A 84 21.39 0.49 -26.49
C ARG A 84 21.00 -0.98 -26.53
N LEU A 85 21.54 -1.79 -25.63
CA LEU A 85 21.15 -3.19 -25.59
C LEU A 85 19.68 -3.33 -25.26
N GLY A 86 19.21 -2.59 -24.26
CA GLY A 86 17.79 -2.67 -23.89
C GLY A 86 16.88 -2.34 -25.06
N ASP A 87 17.29 -1.38 -25.89
CA ASP A 87 16.50 -0.95 -27.04
C ASP A 87 16.50 -1.97 -28.18
N GLU A 88 17.37 -2.98 -28.14
CA GLU A 88 17.31 -4.05 -29.12
C GLU A 88 16.11 -4.96 -28.91
N TYR A 89 15.46 -4.89 -27.76
CA TYR A 89 14.32 -5.74 -27.42
C TYR A 89 13.03 -4.93 -27.38
N ASN A 90 11.92 -5.66 -27.38
CA ASN A 90 10.60 -5.05 -27.20
C ASN A 90 10.37 -4.87 -25.71
N SER A 91 10.36 -3.62 -25.24
CA SER A 91 9.94 -3.25 -23.89
C SER A 91 10.85 -3.86 -22.81
N ILE A 92 12.12 -3.50 -22.89
CA ILE A 92 13.12 -3.96 -21.92
C ILE A 92 13.95 -2.76 -21.45
N PHE A 93 14.16 -2.66 -20.14
CA PHE A 93 15.20 -1.80 -19.58
C PHE A 93 16.18 -2.68 -18.81
N ILE A 94 17.44 -2.26 -18.79
CA ILE A 94 18.52 -3.05 -18.20
C ILE A 94 19.40 -2.15 -17.35
N SER A 95 19.75 -2.64 -16.15
CA SER A 95 20.80 -2.03 -15.33
C SER A 95 21.86 -3.09 -15.05
N ASN A 96 22.96 -2.66 -14.42
CA ASN A 96 24.04 -3.58 -14.11
C ASN A 96 23.61 -4.70 -13.18
N GLU A 97 22.49 -4.55 -12.48
CA GLU A 97 21.99 -5.55 -11.56
C GLU A 97 20.95 -6.47 -12.17
N SER A 98 20.53 -6.22 -13.41
CA SER A 98 19.39 -6.92 -13.97
C SER A 98 19.64 -8.42 -14.10
N TYR A 99 20.82 -8.80 -14.58
CA TYR A 99 21.14 -10.21 -14.78
C TYR A 99 21.07 -10.96 -13.46
N THR A 100 21.75 -10.46 -12.43
CA THR A 100 21.72 -11.12 -11.12
C THR A 100 20.30 -11.21 -10.59
N CYS A 101 19.50 -10.17 -10.80
CA CYS A 101 18.14 -10.18 -10.29
C CYS A 101 17.31 -11.25 -10.99
N ALA A 102 17.46 -11.37 -12.31
CA ALA A 102 16.78 -12.44 -13.05
C ALA A 102 17.24 -13.81 -12.58
N LEU A 103 18.54 -13.98 -12.31
CA LEU A 103 19.03 -15.24 -11.75
C LEU A 103 18.38 -15.55 -10.40
N LEU A 104 18.24 -14.53 -9.55
CA LEU A 104 17.64 -14.74 -8.23
C LEU A 104 16.17 -15.08 -8.34
N ALA A 105 15.45 -14.45 -9.28
CA ALA A 105 14.05 -14.80 -9.47
C ALA A 105 13.90 -16.26 -9.85
N ALA A 106 14.74 -16.74 -10.77
CA ALA A 106 14.66 -18.14 -11.20
C ALA A 106 15.07 -19.09 -10.07
N GLY A 107 16.22 -18.83 -9.44
CA GLY A 107 16.69 -19.72 -8.40
C GLY A 107 15.76 -19.79 -7.20
N SER A 108 15.12 -18.67 -6.86
CA SER A 108 14.10 -18.67 -5.82
C SER A 108 13.00 -19.67 -6.14
N CYS A 109 12.55 -19.69 -7.39
CA CYS A 109 11.48 -20.60 -7.77
C CYS A 109 11.97 -22.03 -7.84
N PHE A 110 13.24 -22.25 -8.21
CA PHE A 110 13.80 -23.59 -8.16
C PHE A 110 13.77 -24.12 -6.74
N ASN A 111 14.23 -23.31 -5.78
CA ASN A 111 14.22 -23.74 -4.38
C ASN A 111 12.81 -24.02 -3.90
N SER A 112 11.84 -23.24 -4.36
CA SER A 112 10.45 -23.46 -3.95
C SER A 112 9.91 -24.75 -4.55
N ALA A 113 10.16 -24.99 -5.83
CA ALA A 113 9.73 -26.24 -6.44
C ALA A 113 10.39 -27.44 -5.78
N GLN A 114 11.68 -27.33 -5.45
CA GLN A 114 12.38 -28.40 -4.76
C GLN A 114 11.75 -28.67 -3.39
N ALA A 115 11.36 -27.62 -2.67
CA ALA A 115 10.72 -27.82 -1.37
C ALA A 115 9.37 -28.52 -1.51
N ILE A 116 8.62 -28.18 -2.54
CA ILE A 116 7.34 -28.83 -2.80
C ILE A 116 7.56 -30.29 -3.17
N LEU A 117 8.48 -30.54 -4.10
CA LEU A 117 8.64 -31.88 -4.64
C LEU A 117 9.31 -32.85 -3.66
N THR A 118 10.02 -32.34 -2.66
CA THR A 118 10.58 -33.20 -1.62
C THR A 118 9.68 -33.30 -0.40
N GLY A 119 8.52 -32.64 -0.40
CA GLY A 119 7.61 -32.72 0.72
C GLY A 119 7.96 -31.82 1.89
N GLN A 120 8.87 -30.87 1.72
CA GLN A 120 9.18 -29.92 2.79
C GLN A 120 8.01 -28.97 3.02
N VAL A 121 7.33 -28.56 1.95
CA VAL A 121 6.14 -27.73 2.03
C VAL A 121 5.09 -28.33 1.10
N ARG A 122 3.82 -27.99 1.34
CA ARG A 122 2.76 -28.46 0.46
C ARG A 122 2.67 -27.59 -0.77
N ASN A 123 2.80 -26.28 -0.60
CA ASN A 123 2.64 -25.31 -1.68
C ASN A 123 3.54 -24.12 -1.35
N ALA A 124 3.62 -23.14 -2.26
CA ALA A 124 4.52 -22.02 -2.01
C ALA A 124 4.16 -20.82 -2.87
N VAL A 125 4.64 -19.66 -2.45
CA VAL A 125 4.49 -18.40 -3.17
C VAL A 125 5.86 -17.76 -3.35
N ALA A 126 6.11 -17.22 -4.54
CA ALA A 126 7.40 -16.62 -4.88
C ALA A 126 7.19 -15.17 -5.26
N ILE A 127 7.66 -14.26 -4.41
CA ILE A 127 7.52 -12.82 -4.62
C ILE A 127 8.79 -12.34 -5.31
N VAL A 128 8.79 -12.40 -6.65
CA VAL A 128 10.02 -12.24 -7.42
C VAL A 128 9.84 -11.22 -8.55
N ARG A 129 10.94 -10.58 -8.93
CA ARG A 129 11.05 -9.77 -10.13
C ARG A 129 12.50 -9.80 -10.59
N PRO A 130 12.79 -9.51 -11.86
CA PRO A 130 11.87 -9.18 -12.97
C PRO A 130 11.03 -10.39 -13.35
N PRO A 131 9.93 -10.15 -14.06
CA PRO A 131 9.03 -11.25 -14.47
C PRO A 131 9.65 -12.13 -15.56
N GLY A 132 8.93 -13.17 -15.99
CA GLY A 132 9.53 -14.14 -16.89
C GLY A 132 8.79 -14.54 -18.14
N HIS A 133 7.45 -14.45 -18.17
CA HIS A 133 6.69 -15.23 -19.14
C HIS A 133 6.77 -14.74 -20.59
N HIS A 134 7.21 -13.50 -20.83
CA HIS A 134 7.45 -13.06 -22.21
C HIS A 134 8.82 -13.46 -22.73
N ALA A 135 9.72 -13.94 -21.86
CA ALA A 135 11.07 -14.26 -22.31
C ALA A 135 11.06 -15.52 -23.15
N GLU A 136 11.72 -15.47 -24.29
CA GLU A 136 11.79 -16.57 -25.24
C GLU A 136 13.11 -17.30 -25.10
N LYS A 137 13.23 -18.42 -25.83
CA LYS A 137 14.50 -19.15 -25.85
C LYS A 137 15.68 -18.20 -26.11
N ASP A 138 15.57 -17.35 -27.14
CA ASP A 138 16.70 -16.59 -27.64
C ASP A 138 16.58 -15.09 -27.41
N THR A 139 15.57 -14.61 -26.69
CA THR A 139 15.46 -13.16 -26.54
C THR A 139 14.70 -12.77 -25.28
N ALA A 140 14.95 -11.53 -24.85
CA ALA A 140 14.21 -10.89 -23.78
C ALA A 140 13.06 -10.10 -24.37
N CYS A 141 12.03 -9.85 -23.56
CA CYS A 141 10.84 -9.16 -24.04
C CYS A 141 9.95 -8.79 -22.85
N GLY A 142 9.30 -7.64 -22.96
CA GLY A 142 8.22 -7.29 -22.05
C GLY A 142 8.57 -7.39 -20.58
N PHE A 143 9.72 -6.81 -20.21
CA PHE A 143 10.22 -6.71 -18.84
C PHE A 143 10.87 -8.02 -18.36
N CYS A 144 10.91 -9.06 -19.20
CA CYS A 144 11.35 -10.39 -18.80
C CYS A 144 12.66 -10.74 -19.49
N PHE A 145 13.61 -11.30 -18.73
CA PHE A 145 14.91 -11.71 -19.26
C PHE A 145 15.00 -13.20 -19.47
N PHE A 146 14.65 -13.98 -18.46
CA PHE A 146 14.62 -15.44 -18.53
C PHE A 146 13.25 -15.92 -18.08
N ASN A 147 12.81 -17.04 -18.63
CA ASN A 147 11.43 -17.49 -18.39
C ASN A 147 11.39 -18.33 -17.11
N THR A 148 11.24 -17.62 -15.99
CA THR A 148 11.26 -18.22 -14.66
C THR A 148 10.31 -19.41 -14.54
N ALA A 149 9.07 -19.25 -14.99
CA ALA A 149 8.10 -20.35 -14.85
C ALA A 149 8.48 -21.54 -15.72
N ALA A 150 8.88 -21.29 -16.97
CA ALA A 150 9.30 -22.38 -17.85
C ALA A 150 10.54 -23.08 -17.30
N LEU A 151 11.53 -22.30 -16.85
CA LEU A 151 12.72 -22.87 -16.25
C LEU A 151 12.37 -23.71 -15.04
N THR A 152 11.41 -23.26 -14.23
CA THR A 152 11.02 -24.01 -13.04
C THR A 152 10.39 -25.35 -13.39
N ALA A 153 9.54 -25.38 -14.43
CA ALA A 153 8.98 -26.65 -14.90
C ALA A 153 10.08 -27.63 -15.27
N ARG A 154 11.08 -27.17 -16.04
CA ARG A 154 12.16 -28.05 -16.44
C ARG A 154 13.04 -28.45 -15.26
N TYR A 155 13.26 -27.52 -14.33
CA TYR A 155 14.02 -27.86 -13.13
C TYR A 155 13.29 -28.93 -12.34
N ALA A 156 11.97 -28.79 -12.20
CA ALA A 156 11.17 -29.79 -11.50
C ALA A 156 11.34 -31.16 -12.13
N GLN A 157 11.29 -31.23 -13.46
CA GLN A 157 11.51 -32.49 -14.15
C GLN A 157 12.93 -33.02 -13.90
N SER A 158 13.92 -32.12 -13.81
CA SER A 158 15.30 -32.57 -13.63
C SER A 158 15.54 -33.23 -12.27
N ILE A 159 14.76 -32.87 -11.24
CA ILE A 159 14.93 -33.47 -9.91
C ILE A 159 13.91 -34.57 -9.63
N THR A 160 13.06 -34.90 -10.61
CA THR A 160 12.12 -36.00 -10.45
C THR A 160 12.27 -36.97 -11.60
N ARG A 161 11.47 -36.81 -12.65
CA ARG A 161 11.66 -37.58 -13.87
C ARG A 161 11.30 -36.69 -15.05
N GLU A 162 11.87 -37.03 -16.21
CA GLU A 162 11.68 -36.19 -17.39
C GLU A 162 10.22 -35.99 -17.73
N SER A 163 9.37 -36.99 -17.48
CA SER A 163 7.97 -36.95 -17.89
C SER A 163 7.05 -36.37 -16.81
N LEU A 164 7.59 -35.80 -15.74
CA LEU A 164 6.75 -35.21 -14.71
C LEU A 164 5.77 -34.23 -15.35
N ARG A 165 4.48 -34.41 -15.07
CA ARG A 165 3.44 -33.60 -15.71
C ARG A 165 3.32 -32.28 -14.96
N VAL A 166 3.67 -31.18 -15.63
CA VAL A 166 3.61 -29.85 -15.04
C VAL A 166 2.53 -29.04 -15.76
N LEU A 167 1.60 -28.49 -14.99
CA LEU A 167 0.62 -27.56 -15.51
C LEU A 167 1.10 -26.15 -15.17
N ILE A 168 1.13 -25.28 -16.17
CA ILE A 168 1.36 -23.86 -15.97
C ILE A 168 0.07 -23.14 -16.31
N VAL A 169 -0.54 -22.49 -15.32
CA VAL A 169 -1.70 -21.63 -15.53
C VAL A 169 -1.21 -20.19 -15.45
N ASP A 170 -1.45 -19.42 -16.51
CA ASP A 170 -0.91 -18.07 -16.64
C ASP A 170 -2.10 -17.12 -16.63
N TRP A 171 -2.33 -16.48 -15.49
CA TRP A 171 -3.45 -15.55 -15.37
C TRP A 171 -3.03 -14.08 -15.40
N ASP A 172 -1.76 -13.80 -15.68
CA ASP A 172 -1.36 -12.46 -16.09
C ASP A 172 -2.24 -12.03 -17.26
N VAL A 173 -2.57 -10.73 -17.30
CA VAL A 173 -3.47 -10.23 -18.33
C VAL A 173 -2.89 -10.39 -19.73
N HIS A 174 -1.58 -10.55 -19.83
CA HIS A 174 -0.90 -10.70 -21.11
C HIS A 174 -0.64 -12.17 -21.42
N HIS A 175 -0.60 -12.46 -22.71
CA HIS A 175 -0.21 -13.79 -23.16
C HIS A 175 1.25 -14.05 -22.84
N GLY A 176 1.53 -15.23 -22.28
CA GLY A 176 2.91 -15.62 -22.05
C GLY A 176 3.53 -16.24 -23.30
N ASN A 177 3.85 -15.38 -24.27
CA ASN A 177 4.35 -15.87 -25.55
C ASN A 177 5.56 -16.75 -25.37
N GLY A 178 6.44 -16.40 -24.42
CA GLY A 178 7.65 -17.17 -24.24
C GLY A 178 7.36 -18.57 -23.72
N THR A 179 6.45 -18.67 -22.75
CA THR A 179 6.10 -19.97 -22.20
C THR A 179 5.42 -20.84 -23.24
N GLN A 180 4.48 -20.27 -24.01
CA GLN A 180 3.84 -21.03 -25.08
C GLN A 180 4.87 -21.59 -26.04
N HIS A 181 5.79 -20.74 -26.49
CA HIS A 181 6.75 -21.17 -27.51
C HIS A 181 7.72 -22.21 -26.96
N ILE A 182 8.17 -22.02 -25.71
CA ILE A 182 9.11 -22.96 -25.11
C ILE A 182 8.52 -24.36 -25.06
N PHE A 183 7.24 -24.46 -24.69
CA PHE A 183 6.59 -25.77 -24.54
C PHE A 183 5.69 -26.13 -25.72
N GLU A 184 5.76 -25.42 -26.84
CA GLU A 184 4.75 -25.65 -27.92
C GLU A 184 4.76 -27.10 -28.45
N GLU A 185 5.92 -27.74 -28.41
CA GLU A 185 6.06 -29.12 -28.94
C GLU A 185 6.25 -30.11 -27.78
N ASP A 186 5.67 -29.82 -26.62
CA ASP A 186 5.89 -30.59 -25.42
C ASP A 186 4.54 -30.99 -24.82
N ASP A 187 4.35 -32.29 -24.62
CA ASP A 187 3.15 -32.80 -23.97
C ASP A 187 3.33 -33.02 -22.47
N SER A 188 4.54 -32.79 -21.94
CA SER A 188 4.77 -32.94 -20.51
C SER A 188 4.47 -31.67 -19.73
N VAL A 189 4.36 -30.53 -20.41
CA VAL A 189 4.04 -29.26 -19.76
C VAL A 189 2.79 -28.73 -20.47
N LEU A 190 1.67 -28.73 -19.77
CA LEU A 190 0.43 -28.17 -20.28
C LEU A 190 0.42 -26.69 -19.95
N TYR A 191 0.28 -25.84 -20.96
CA TYR A 191 0.24 -24.39 -20.79
C TYR A 191 -1.19 -23.92 -21.01
N ILE A 192 -1.76 -23.25 -20.01
CA ILE A 192 -3.08 -22.65 -20.11
C ILE A 192 -2.95 -21.18 -19.78
N SER A 193 -3.25 -20.31 -20.74
CA SER A 193 -3.17 -18.87 -20.55
C SER A 193 -4.54 -18.24 -20.75
N LEU A 194 -4.93 -17.36 -19.84
CA LEU A 194 -6.03 -16.43 -20.06
C LEU A 194 -5.42 -15.05 -20.26
N HIS A 195 -5.93 -14.31 -21.24
CA HIS A 195 -5.27 -13.05 -21.53
C HIS A 195 -6.18 -12.14 -22.36
N ARG A 196 -6.02 -10.84 -22.15
CA ARG A 196 -6.63 -9.87 -23.04
C ARG A 196 -5.94 -9.96 -24.41
N TYR A 197 -6.75 -10.08 -25.45
CA TYR A 197 -6.26 -10.32 -26.80
C TYR A 197 -6.64 -9.23 -27.78
N GLU A 198 -7.93 -8.84 -27.83
CA GLU A 198 -8.42 -7.78 -28.70
C GLU A 198 -8.03 -8.01 -30.16
N ASP A 199 -8.25 -9.25 -30.63
CA ASP A 199 -8.00 -9.58 -32.03
C ASP A 199 -6.55 -9.31 -32.42
N GLY A 200 -5.63 -9.50 -31.47
CA GLY A 200 -4.22 -9.28 -31.71
C GLY A 200 -3.72 -7.88 -31.44
N ALA A 201 -4.58 -6.95 -31.01
CA ALA A 201 -4.18 -5.56 -30.81
C ALA A 201 -3.60 -5.29 -29.44
N PHE A 202 -3.64 -6.25 -28.53
CA PHE A 202 -3.12 -6.06 -27.18
C PHE A 202 -1.75 -6.70 -27.07
N PHE A 203 -0.86 -6.06 -26.31
CA PHE A 203 0.49 -6.58 -26.13
C PHE A 203 0.43 -8.04 -25.69
N PRO A 204 1.27 -8.93 -26.24
CA PRO A 204 2.39 -8.64 -27.16
C PRO A 204 2.08 -8.59 -28.66
N ASN A 205 0.81 -8.40 -29.03
CA ASN A 205 0.41 -8.02 -30.39
C ASN A 205 0.66 -9.12 -31.42
N SER A 206 0.44 -10.38 -31.02
CA SER A 206 0.67 -11.51 -31.90
C SER A 206 -0.55 -12.43 -31.92
N GLU A 207 -0.89 -12.91 -33.12
CA GLU A 207 -1.96 -13.90 -33.25
C GLU A 207 -1.56 -15.25 -32.68
N ASP A 208 -0.30 -15.44 -32.27
CA ASP A 208 0.08 -16.63 -31.52
C ASP A 208 -0.77 -16.84 -30.29
N ALA A 209 -1.40 -15.78 -29.77
CA ALA A 209 -2.19 -15.86 -28.55
C ALA A 209 -3.62 -16.28 -28.80
N ASN A 210 -4.01 -16.54 -30.04
CA ASN A 210 -5.42 -16.85 -30.31
C ASN A 210 -5.75 -18.29 -29.93
N TYR A 211 -7.06 -18.56 -29.84
CA TYR A 211 -7.53 -19.85 -29.32
C TYR A 211 -7.19 -21.02 -30.24
N ASP A 212 -6.90 -20.75 -31.51
CA ASP A 212 -6.63 -21.83 -32.45
C ASP A 212 -5.20 -22.34 -32.39
N LYS A 213 -4.36 -21.79 -31.51
CA LYS A 213 -2.99 -22.27 -31.36
C LYS A 213 -3.00 -23.30 -30.24
N VAL A 214 -3.03 -24.58 -30.64
CA VAL A 214 -3.25 -25.68 -29.71
C VAL A 214 -1.97 -26.46 -29.42
N GLY A 215 -0.85 -26.03 -29.97
CA GLY A 215 0.40 -26.75 -29.84
C GLY A 215 0.76 -27.47 -31.14
N LEU A 216 1.97 -28.01 -31.15
CA LEU A 216 2.55 -28.59 -32.35
C LEU A 216 3.19 -29.95 -32.03
N GLY A 217 3.20 -30.82 -33.03
CA GLY A 217 3.83 -32.13 -32.86
C GLY A 217 3.23 -32.89 -31.70
N LYS A 218 4.09 -33.46 -30.86
CA LYS A 218 3.59 -34.19 -29.71
C LYS A 218 2.85 -33.30 -28.72
N GLY A 219 3.02 -32.00 -28.80
CA GLY A 219 2.32 -31.07 -27.95
C GLY A 219 0.96 -30.63 -28.44
N ARG A 220 0.44 -31.21 -29.53
CA ARG A 220 -0.89 -30.83 -29.99
C ARG A 220 -1.92 -31.13 -28.90
N GLY A 221 -2.69 -30.10 -28.53
CA GLY A 221 -3.64 -30.19 -27.44
C GLY A 221 -3.13 -29.68 -26.11
N TYR A 222 -1.82 -29.46 -25.98
CA TYR A 222 -1.22 -29.11 -24.70
C TYR A 222 -0.90 -27.62 -24.59
N ASN A 223 -1.48 -26.81 -25.47
CA ASN A 223 -1.42 -25.36 -25.37
C ASN A 223 -2.84 -24.83 -25.47
N VAL A 224 -3.32 -24.19 -24.41
CA VAL A 224 -4.69 -23.70 -24.31
C VAL A 224 -4.67 -22.18 -24.13
N ASN A 225 -5.08 -21.45 -25.15
CA ASN A 225 -5.19 -20.00 -25.09
C ASN A 225 -6.65 -19.62 -24.95
N ILE A 226 -6.95 -18.84 -23.91
CA ILE A 226 -8.29 -18.30 -23.65
C ILE A 226 -8.23 -16.80 -23.87
N PRO A 227 -8.53 -16.32 -25.08
CA PRO A 227 -8.31 -14.90 -25.36
C PRO A 227 -9.57 -14.07 -25.21
N TRP A 228 -9.44 -12.91 -24.58
CA TRP A 228 -10.57 -12.03 -24.32
C TRP A 228 -10.59 -10.89 -25.33
N ASN A 229 -11.78 -10.60 -25.84
CA ASN A 229 -11.97 -9.51 -26.80
C ASN A 229 -13.15 -8.66 -26.38
N GLY A 230 -13.02 -7.36 -26.59
CA GLY A 230 -14.14 -6.44 -26.46
C GLY A 230 -14.89 -6.52 -25.15
N GLY A 231 -14.22 -6.22 -24.05
CA GLY A 231 -14.91 -6.24 -22.78
C GLY A 231 -13.98 -6.09 -21.60
N LYS A 232 -14.46 -5.38 -20.59
CA LYS A 232 -13.75 -5.22 -19.32
C LYS A 232 -14.03 -6.46 -18.48
N MET A 233 -13.19 -7.48 -18.66
CA MET A 233 -13.45 -8.76 -18.02
C MET A 233 -13.10 -8.71 -16.53
N GLY A 234 -13.76 -9.56 -15.76
CA GLY A 234 -13.56 -9.60 -14.32
C GLY A 234 -13.89 -10.97 -13.75
N ASP A 235 -14.29 -10.99 -12.47
CA ASP A 235 -14.58 -12.24 -11.78
C ASP A 235 -15.55 -13.16 -12.53
N PRO A 236 -16.69 -12.68 -13.06
CA PRO A 236 -17.61 -13.61 -13.72
C PRO A 236 -16.98 -14.34 -14.89
N GLU A 237 -16.21 -13.62 -15.71
CA GLU A 237 -15.59 -14.22 -16.89
C GLU A 237 -14.48 -15.20 -16.50
N TYR A 238 -13.68 -14.84 -15.50
CA TYR A 238 -12.60 -15.74 -15.07
C TYR A 238 -13.14 -16.98 -14.38
N MET A 239 -14.17 -16.83 -13.54
CA MET A 239 -14.80 -18.00 -12.93
C MET A 239 -15.37 -18.93 -13.99
N ALA A 240 -16.04 -18.37 -15.02
CA ALA A 240 -16.61 -19.19 -16.07
C ALA A 240 -15.55 -19.92 -16.86
N ALA A 241 -14.45 -19.24 -17.21
CA ALA A 241 -13.37 -19.90 -17.93
C ALA A 241 -12.78 -21.04 -17.12
N PHE A 242 -12.66 -20.86 -15.80
CA PHE A 242 -12.15 -21.93 -14.96
C PHE A 242 -13.11 -23.10 -14.90
N HIS A 243 -14.41 -22.81 -14.81
CA HIS A 243 -15.41 -23.87 -14.72
C HIS A 243 -15.52 -24.68 -16.02
N HIS A 244 -15.50 -24.00 -17.16
CA HIS A 244 -15.73 -24.69 -18.44
C HIS A 244 -14.45 -25.19 -19.10
N LEU A 245 -13.30 -24.57 -18.83
CA LEU A 245 -12.08 -24.87 -19.57
C LEU A 245 -10.92 -25.28 -18.66
N VAL A 246 -10.47 -24.36 -17.80
CA VAL A 246 -9.22 -24.58 -17.07
C VAL A 246 -9.30 -25.84 -16.20
N MET A 247 -10.35 -25.94 -15.40
CA MET A 247 -10.41 -27.05 -14.45
C MET A 247 -10.71 -28.39 -15.11
N PRO A 248 -11.66 -28.49 -16.06
CA PRO A 248 -11.84 -29.80 -16.72
C PRO A 248 -10.60 -30.30 -17.46
N ILE A 249 -9.91 -29.43 -18.19
CA ILE A 249 -8.69 -29.83 -18.89
C ILE A 249 -7.61 -30.21 -17.90
N ALA A 250 -7.40 -29.37 -16.87
CA ALA A 250 -6.37 -29.64 -15.87
C ALA A 250 -6.61 -30.97 -15.16
N ARG A 251 -7.86 -31.24 -14.78
CA ARG A 251 -8.15 -32.51 -14.12
C ARG A 251 -7.85 -33.70 -15.02
N GLU A 252 -8.14 -33.58 -16.31
CA GLU A 252 -7.89 -34.68 -17.23
C GLU A 252 -6.39 -34.88 -17.46
N PHE A 253 -5.64 -33.79 -17.48
CA PHE A 253 -4.18 -33.87 -17.59
C PHE A 253 -3.56 -34.50 -16.35
N ALA A 254 -4.18 -34.28 -15.18
CA ALA A 254 -3.73 -34.79 -13.88
C ALA A 254 -2.30 -34.37 -13.60
N PRO A 255 -2.04 -33.07 -13.43
CA PRO A 255 -0.65 -32.63 -13.22
C PRO A 255 -0.10 -33.18 -11.91
N GLU A 256 1.22 -33.28 -11.88
CA GLU A 256 1.93 -33.63 -10.65
C GLU A 256 2.52 -32.41 -9.96
N LEU A 257 2.55 -31.27 -10.64
CA LEU A 257 2.95 -30.01 -10.06
C LEU A 257 2.22 -28.91 -10.82
N VAL A 258 1.74 -27.90 -10.12
CA VAL A 258 1.07 -26.75 -10.73
C VAL A 258 1.91 -25.51 -10.47
N LEU A 259 2.26 -24.82 -11.54
CA LEU A 259 2.91 -23.52 -11.47
C LEU A 259 1.90 -22.47 -11.94
N VAL A 260 1.79 -21.37 -11.20
CA VAL A 260 0.96 -20.26 -11.64
C VAL A 260 1.88 -19.12 -12.05
N SER A 261 1.82 -18.73 -13.32
CA SER A 261 2.35 -17.45 -13.76
C SER A 261 1.33 -16.41 -13.32
N ALA A 262 1.50 -15.95 -12.08
CA ALA A 262 0.51 -15.11 -11.40
C ALA A 262 0.91 -13.65 -11.57
N GLY A 263 0.61 -13.12 -12.74
CA GLY A 263 0.59 -11.68 -12.88
C GLY A 263 -0.71 -11.16 -12.29
N PHE A 264 -0.64 -9.93 -11.77
CA PHE A 264 -1.82 -9.30 -11.19
C PHE A 264 -2.22 -8.03 -11.95
N ASP A 265 -1.94 -8.01 -13.24
CA ASP A 265 -2.33 -6.90 -14.11
C ASP A 265 -3.73 -7.03 -14.69
N ALA A 266 -4.43 -8.15 -14.48
CA ALA A 266 -5.86 -8.17 -14.76
C ALA A 266 -6.67 -7.62 -13.59
N ALA A 267 -6.01 -7.14 -12.55
CA ALA A 267 -6.69 -6.71 -11.35
C ALA A 267 -7.38 -5.37 -11.53
N ARG A 268 -8.48 -5.20 -10.80
N ARG A 268 -8.47 -5.18 -10.78
CA ARG A 268 -9.08 -3.88 -10.64
CA ARG A 268 -9.10 -3.88 -10.72
C ARG A 268 -8.00 -2.89 -10.23
C ARG A 268 -8.11 -2.85 -10.19
N GLY A 269 -7.95 -1.76 -10.93
CA GLY A 269 -7.00 -0.72 -10.62
C GLY A 269 -5.71 -0.75 -11.42
N ASP A 270 -5.43 -1.81 -12.17
CA ASP A 270 -4.16 -1.86 -12.88
C ASP A 270 -4.11 -0.75 -13.94
N PRO A 271 -2.96 -0.06 -14.07
CA PRO A 271 -2.88 1.03 -15.06
C PRO A 271 -2.79 0.56 -16.50
N LEU A 272 -2.52 -0.72 -16.74
CA LEU A 272 -2.31 -1.26 -18.09
C LEU A 272 -3.35 -2.28 -18.51
N GLY A 273 -3.82 -3.12 -17.59
CA GLY A 273 -4.63 -4.27 -18.00
C GLY A 273 -6.04 -3.91 -18.42
N GLY A 274 -6.64 -2.91 -17.77
CA GLY A 274 -8.00 -2.52 -18.09
C GLY A 274 -9.07 -3.51 -17.70
N PHE A 275 -8.77 -4.46 -16.82
CA PHE A 275 -9.72 -5.48 -16.35
C PHE A 275 -10.07 -5.22 -14.89
N GLN A 276 -10.92 -6.09 -14.32
CA GLN A 276 -11.42 -5.84 -12.98
C GLN A 276 -11.55 -7.12 -12.14
N VAL A 277 -10.59 -8.05 -12.30
CA VAL A 277 -10.52 -9.18 -11.37
C VAL A 277 -10.24 -8.65 -9.97
N THR A 278 -11.02 -9.11 -8.99
CA THR A 278 -10.91 -8.63 -7.62
C THR A 278 -9.95 -9.52 -6.83
N PRO A 279 -9.52 -9.07 -5.63
CA PRO A 279 -8.68 -9.97 -4.81
C PRO A 279 -9.38 -11.24 -4.40
N GLU A 280 -10.68 -11.17 -4.10
CA GLU A 280 -11.45 -12.37 -3.84
C GLU A 280 -11.51 -13.27 -5.06
N GLY A 281 -11.55 -12.67 -6.26
CA GLY A 281 -11.49 -13.48 -7.47
C GLY A 281 -10.23 -14.30 -7.58
N TYR A 282 -9.07 -13.65 -7.39
CA TYR A 282 -7.80 -14.38 -7.39
C TYR A 282 -7.77 -15.45 -6.32
N ALA A 283 -8.37 -15.18 -5.16
CA ALA A 283 -8.42 -16.19 -4.10
C ALA A 283 -9.18 -17.42 -4.57
N HIS A 284 -10.32 -17.21 -5.25
CA HIS A 284 -11.10 -18.35 -5.73
C HIS A 284 -10.36 -19.12 -6.80
N LEU A 285 -9.64 -18.42 -7.69
CA LEU A 285 -8.85 -19.12 -8.69
C LEU A 285 -7.77 -19.96 -8.04
N THR A 286 -7.10 -19.41 -7.02
CA THR A 286 -6.07 -20.16 -6.29
C THR A 286 -6.68 -21.40 -5.63
N HIS A 287 -7.82 -21.22 -4.96
CA HIS A 287 -8.46 -22.32 -4.24
C HIS A 287 -8.82 -23.45 -5.18
N GLN A 288 -9.30 -23.10 -6.39
CA GLN A 288 -9.62 -24.15 -7.36
C GLN A 288 -8.37 -24.90 -7.80
N LEU A 289 -7.27 -24.18 -8.05
CA LEU A 289 -6.05 -24.85 -8.46
C LEU A 289 -5.50 -25.76 -7.37
N MET A 290 -5.75 -25.44 -6.10
CA MET A 290 -5.27 -26.25 -5.00
C MET A 290 -5.87 -27.66 -4.99
N SER A 291 -6.95 -27.87 -5.73
CA SER A 291 -7.57 -29.20 -5.83
C SER A 291 -6.82 -30.12 -6.79
N LEU A 292 -5.81 -29.61 -7.49
CA LEU A 292 -5.01 -30.37 -8.44
C LEU A 292 -3.68 -30.78 -7.82
N ALA A 293 -3.08 -31.84 -8.37
CA ALA A 293 -1.71 -32.24 -8.05
C ALA A 293 -1.49 -32.46 -6.55
N ALA A 294 -2.52 -32.94 -5.86
CA ALA A 294 -2.45 -33.15 -4.41
C ALA A 294 -2.06 -31.88 -3.67
N GLY A 295 -2.44 -30.72 -4.23
CA GLY A 295 -2.18 -29.44 -3.60
C GLY A 295 -0.81 -28.85 -3.89
N ARG A 296 0.00 -29.49 -4.73
CA ARG A 296 1.35 -29.02 -5.00
C ARG A 296 1.32 -27.87 -6.01
N VAL A 297 1.19 -26.66 -5.48
CA VAL A 297 1.00 -25.45 -6.27
C VAL A 297 2.07 -24.43 -5.89
N LEU A 298 2.73 -23.84 -6.89
CA LEU A 298 3.69 -22.76 -6.69
C LEU A 298 3.23 -21.53 -7.44
N ILE A 299 2.99 -20.44 -6.71
CA ILE A 299 2.49 -19.19 -7.28
C ILE A 299 3.66 -18.26 -7.52
N ILE A 300 3.90 -17.90 -8.78
CA ILE A 300 5.07 -17.12 -9.19
C ILE A 300 4.59 -15.75 -9.69
N LEU A 301 5.08 -14.68 -9.06
CA LEU A 301 4.72 -13.34 -9.50
C LEU A 301 5.22 -13.07 -10.91
N GLU A 302 4.31 -12.60 -11.79
CA GLU A 302 4.68 -12.09 -13.10
C GLU A 302 4.49 -10.57 -13.12
N GLY A 303 3.53 -10.08 -13.90
CA GLY A 303 3.24 -8.66 -13.98
C GLY A 303 2.26 -8.18 -12.91
N GLY A 304 1.73 -6.97 -13.14
CA GLY A 304 0.84 -6.33 -12.20
C GLY A 304 1.45 -5.06 -11.65
N TYR A 305 0.80 -3.91 -11.87
CA TYR A 305 1.47 -2.62 -11.73
C TYR A 305 0.80 -1.61 -10.82
N ASN A 306 -0.37 -1.92 -10.26
CA ASN A 306 -0.94 -1.08 -9.20
C ASN A 306 -0.47 -1.68 -7.90
N LEU A 307 0.41 -0.96 -7.19
CA LEU A 307 1.07 -1.50 -6.01
C LEU A 307 0.06 -1.97 -4.97
N THR A 308 -1.01 -1.20 -4.76
CA THR A 308 -2.03 -1.62 -3.79
C THR A 308 -2.78 -2.85 -4.28
N SER A 309 -3.15 -2.88 -5.57
CA SER A 309 -3.92 -4.00 -6.09
C SER A 309 -3.12 -5.29 -6.04
N ILE A 310 -1.85 -5.26 -6.45
CA ILE A 310 -1.08 -6.50 -6.48
C ILE A 310 -0.79 -6.98 -5.08
N SER A 311 -0.59 -6.06 -4.13
CA SER A 311 -0.29 -6.46 -2.78
C SER A 311 -1.47 -7.19 -2.15
N GLU A 312 -2.68 -6.62 -2.31
CA GLU A 312 -3.88 -7.27 -1.78
C GLU A 312 -4.16 -8.58 -2.50
N SER A 313 -4.00 -8.58 -3.83
CA SER A 313 -4.36 -9.74 -4.64
C SER A 313 -3.44 -10.92 -4.32
N MET A 314 -2.12 -10.70 -4.32
CA MET A 314 -1.22 -11.82 -4.06
C MET A 314 -1.35 -12.31 -2.62
N SER A 315 -1.55 -11.39 -1.68
CA SER A 315 -1.75 -11.81 -0.29
C SER A 315 -2.97 -12.71 -0.17
N MET A 316 -4.05 -12.40 -0.88
CA MET A 316 -5.22 -13.26 -0.81
C MET A 316 -4.93 -14.65 -1.36
N CYS A 317 -4.06 -14.75 -2.37
CA CYS A 317 -3.69 -16.07 -2.86
C CYS A 317 -2.92 -16.85 -1.80
N THR A 318 -1.97 -16.21 -1.14
CA THR A 318 -1.22 -16.88 -0.07
C THR A 318 -2.15 -17.31 1.05
N SER A 319 -3.12 -16.47 1.40
CA SER A 319 -4.11 -16.85 2.40
C SER A 319 -4.80 -18.16 2.01
N MET A 320 -5.12 -18.32 0.73
CA MET A 320 -5.72 -19.59 0.27
C MET A 320 -4.74 -20.74 0.42
N LEU A 321 -3.48 -20.54 0.00
CA LEU A 321 -2.49 -21.61 0.14
C LEU A 321 -2.36 -22.05 1.58
N LEU A 322 -2.50 -21.11 2.52
CA LEU A 322 -2.40 -21.42 3.94
C LEU A 322 -3.62 -22.16 4.47
N GLY A 323 -4.66 -22.33 3.67
CA GLY A 323 -5.83 -23.07 4.09
C GLY A 323 -6.99 -22.23 4.58
N ASP A 324 -6.94 -20.92 4.42
CA ASP A 324 -8.06 -20.07 4.81
C ASP A 324 -9.22 -20.25 3.84
N SER A 325 -10.43 -20.06 4.34
CA SER A 325 -11.60 -20.25 3.49
C SER A 325 -11.72 -19.11 2.49
N PRO A 326 -12.19 -19.38 1.27
CA PRO A 326 -12.28 -18.32 0.26
C PRO A 326 -13.19 -17.20 0.73
N PRO A 327 -12.80 -15.95 0.52
CA PRO A 327 -13.71 -14.84 0.75
C PRO A 327 -14.83 -14.85 -0.28
N SER A 328 -15.94 -14.23 0.08
CA SER A 328 -17.14 -14.29 -0.74
C SER A 328 -17.00 -13.41 -1.98
N LEU A 329 -17.28 -13.97 -3.15
CA LEU A 329 -17.36 -13.18 -4.36
C LEU A 329 -18.61 -12.31 -4.33
N ASP A 330 -18.57 -11.22 -5.09
CA ASP A 330 -19.77 -10.46 -5.35
C ASP A 330 -20.72 -11.29 -6.20
N HIS A 331 -21.96 -10.83 -6.31
CA HIS A 331 -22.91 -11.47 -7.22
C HIS A 331 -22.35 -11.44 -8.64
N LEU A 332 -22.16 -12.62 -9.23
CA LEU A 332 -21.59 -12.72 -10.57
C LEU A 332 -22.62 -12.28 -11.60
N THR A 333 -22.37 -11.13 -12.24
CA THR A 333 -23.24 -10.63 -13.28
C THR A 333 -23.22 -11.57 -14.48
N PRO A 334 -24.21 -11.45 -15.38
CA PRO A 334 -24.14 -12.23 -16.63
C PRO A 334 -22.85 -11.94 -17.37
N LEU A 335 -22.30 -12.97 -18.00
CA LEU A 335 -21.04 -12.82 -18.71
C LEU A 335 -21.18 -11.84 -19.86
N LYS A 336 -20.11 -11.07 -20.10
CA LYS A 336 -20.02 -10.30 -21.33
C LYS A 336 -20.22 -11.23 -22.51
N THR A 337 -20.99 -10.76 -23.50
CA THR A 337 -21.32 -11.62 -24.64
C THR A 337 -20.07 -12.14 -25.34
N SER A 338 -19.04 -11.29 -25.47
CA SER A 338 -17.82 -11.72 -26.14
C SER A 338 -17.08 -12.76 -25.32
N ALA A 339 -17.23 -12.74 -23.99
CA ALA A 339 -16.59 -13.75 -23.15
C ALA A 339 -17.18 -15.13 -23.42
N THR A 340 -18.50 -15.22 -23.56
CA THR A 340 -19.12 -16.48 -23.97
C THR A 340 -18.60 -16.95 -25.31
N VAL A 341 -18.48 -16.02 -26.27
CA VAL A 341 -17.94 -16.36 -27.58
C VAL A 341 -16.52 -16.90 -27.45
N SER A 342 -15.68 -16.23 -26.65
CA SER A 342 -14.31 -16.71 -26.43
C SER A 342 -14.30 -18.12 -25.87
N ILE A 343 -15.10 -18.38 -24.83
CA ILE A 343 -15.11 -19.69 -24.19
C ILE A 343 -15.56 -20.77 -25.18
N ASN A 344 -16.58 -20.48 -25.98
CA ASN A 344 -17.07 -21.44 -26.96
C ASN A 344 -16.01 -21.72 -28.03
N ASN A 345 -15.23 -20.70 -28.40
CA ASN A 345 -14.20 -20.90 -29.41
C ASN A 345 -13.10 -21.83 -28.88
N VAL A 346 -12.73 -21.67 -27.61
CA VAL A 346 -11.72 -22.55 -27.03
C VAL A 346 -12.25 -23.97 -26.89
N LEU A 347 -13.52 -24.10 -26.49
CA LEU A 347 -14.13 -25.42 -26.39
C LEU A 347 -14.10 -26.15 -27.72
N ARG A 348 -14.44 -25.45 -28.81
CA ARG A 348 -14.40 -26.08 -30.12
C ARG A 348 -12.98 -26.41 -30.56
N ALA A 349 -12.01 -25.57 -30.17
CA ALA A 349 -10.63 -25.81 -30.56
C ALA A 349 -10.03 -27.00 -29.81
N HIS A 350 -10.46 -27.24 -28.57
CA HIS A 350 -9.83 -28.26 -27.74
C HIS A 350 -10.66 -29.52 -27.54
N ALA A 351 -11.92 -29.52 -27.98
CA ALA A 351 -12.69 -30.76 -28.02
C ALA A 351 -12.00 -31.91 -28.73
N PRO A 352 -11.20 -31.71 -29.80
CA PRO A 352 -10.50 -32.87 -30.38
C PRO A 352 -9.52 -33.55 -29.42
N PHE A 353 -9.08 -32.88 -28.35
CA PHE A 353 -7.97 -33.38 -27.54
C PHE A 353 -8.35 -33.73 -26.11
N TRP A 354 -9.47 -33.24 -25.60
CA TRP A 354 -9.81 -33.38 -24.18
C TRP A 354 -11.23 -33.91 -24.07
N SER A 355 -11.37 -35.17 -23.68
CA SER A 355 -12.69 -35.79 -23.62
C SER A 355 -13.57 -35.16 -22.55
N SER A 356 -12.99 -34.44 -21.59
CA SER A 356 -13.80 -33.78 -20.57
C SER A 356 -14.62 -32.62 -21.13
N LEU A 357 -14.31 -32.14 -22.33
CA LEU A 357 -15.01 -31.01 -22.93
C LEU A 357 -16.15 -31.44 -23.85
N ARG A 358 -16.30 -32.73 -24.11
CA ARG A 358 -17.34 -33.21 -25.02
C ARG A 358 -18.64 -33.53 -24.28
N SER B 1 -13.03 28.16 -8.92
CA SER B 1 -12.72 26.77 -8.61
C SER B 1 -11.76 26.71 -7.43
N PRO B 2 -12.18 26.06 -6.35
CA PRO B 2 -11.31 25.95 -5.17
C PRO B 2 -10.09 25.08 -5.47
N ILE B 3 -8.95 25.48 -4.91
CA ILE B 3 -7.70 24.77 -5.07
C ILE B 3 -7.34 24.12 -3.74
N THR B 4 -6.91 22.85 -3.78
CA THR B 4 -6.41 22.15 -2.62
C THR B 4 -4.89 22.06 -2.73
N GLY B 5 -4.18 22.47 -1.69
CA GLY B 5 -2.74 22.33 -1.64
C GLY B 5 -2.32 21.01 -1.02
N LEU B 6 -1.13 20.54 -1.40
CA LEU B 6 -0.55 19.34 -0.81
C LEU B 6 0.94 19.58 -0.64
N VAL B 7 1.46 19.29 0.55
CA VAL B 7 2.89 19.37 0.83
C VAL B 7 3.40 17.99 1.24
N TYR B 8 4.54 17.62 0.69
CA TYR B 8 5.20 16.34 0.96
C TYR B 8 6.65 16.49 0.53
N ASP B 9 7.56 16.00 1.35
CA ASP B 9 8.98 16.00 1.00
C ASP B 9 9.58 14.70 1.49
N GLN B 10 10.17 13.93 0.56
CA GLN B 10 10.75 12.64 0.91
C GLN B 10 11.89 12.77 1.92
N ARG B 11 12.49 13.97 2.05
CA ARG B 11 13.55 14.16 3.03
C ARG B 11 13.08 13.89 4.46
N MET B 12 11.78 14.01 4.75
CA MET B 12 11.26 13.69 6.07
C MET B 12 11.34 12.20 6.40
N MET B 13 11.68 11.36 5.41
CA MET B 13 11.91 9.94 5.66
C MET B 13 13.25 9.68 6.35
N LEU B 14 14.14 10.67 6.44
CA LEU B 14 15.49 10.39 6.93
C LEU B 14 15.55 10.16 8.43
N HIS B 15 14.60 10.69 9.19
CA HIS B 15 14.46 10.37 10.61
C HIS B 15 14.16 8.88 10.78
N HIS B 16 14.99 8.18 11.56
CA HIS B 16 14.86 6.74 11.64
C HIS B 16 15.36 6.23 12.98
N ASN B 17 15.00 4.98 13.29
CA ASN B 17 15.31 4.35 14.57
C ASN B 17 16.47 3.40 14.36
N MET B 18 17.65 3.77 14.88
CA MET B 18 18.86 3.01 14.61
C MET B 18 18.87 1.66 15.33
N TRP B 19 18.21 1.56 16.47
CA TRP B 19 18.26 0.32 17.24
C TRP B 19 17.11 -0.62 16.92
N ASP B 20 15.98 -0.09 16.50
CA ASP B 20 14.77 -0.87 16.21
C ASP B 20 14.25 -0.41 14.86
N SER B 21 14.78 -0.99 13.78
CA SER B 21 14.43 -0.53 12.45
C SER B 21 12.99 -0.85 12.07
N HIS B 22 12.32 -1.73 12.81
CA HIS B 22 10.91 -2.03 12.58
C HIS B 22 9.99 -1.26 13.51
N HIS B 23 10.49 -0.24 14.19
CA HIS B 23 9.65 0.61 15.00
C HIS B 23 8.50 1.16 14.16
N PRO B 24 7.27 1.19 14.67
CA PRO B 24 6.12 1.53 13.83
C PRO B 24 6.11 2.94 13.24
N GLU B 25 6.80 3.92 13.83
CA GLU B 25 6.86 5.28 13.27
C GLU B 25 7.91 5.28 12.15
N LEU B 26 7.53 4.66 11.01
CA LEU B 26 8.43 4.31 9.93
C LEU B 26 8.59 5.45 8.94
N PRO B 27 9.77 5.60 8.35
CA PRO B 27 9.92 6.52 7.21
C PRO B 27 8.87 6.34 6.14
N GLN B 28 8.51 5.09 5.82
CA GLN B 28 7.60 4.84 4.71
C GLN B 28 6.15 5.23 5.03
N ARG B 29 5.83 5.66 6.24
CA ARG B 29 4.50 6.18 6.50
C ARG B 29 4.14 7.29 5.51
N ILE B 30 5.06 8.25 5.32
CA ILE B 30 4.73 9.39 4.46
C ILE B 30 4.83 9.03 2.98
N SER B 31 5.83 8.23 2.59
CA SER B 31 5.93 7.83 1.19
C SER B 31 4.75 6.97 0.76
N ARG B 32 4.23 6.13 1.66
CA ARG B 32 3.07 5.32 1.30
C ARG B 32 1.82 6.17 1.11
N ILE B 33 1.60 7.16 1.98
CA ILE B 33 0.46 8.03 1.80
C ILE B 33 0.59 8.80 0.48
N PHE B 34 1.77 9.33 0.22
CA PHE B 34 2.02 10.06 -1.02
C PHE B 34 1.78 9.17 -2.23
N SER B 35 2.30 7.92 -2.19
CA SER B 35 2.11 7.01 -3.31
C SER B 35 0.63 6.72 -3.56
N ARG B 36 -0.15 6.58 -2.48
CA ARG B 36 -1.58 6.31 -2.66
C ARG B 36 -2.29 7.49 -3.31
N HIS B 37 -1.89 8.73 -2.99
CA HIS B 37 -2.45 9.89 -3.65
C HIS B 37 -2.17 9.84 -5.16
N GLU B 38 -0.97 9.38 -5.53
CA GLU B 38 -0.66 9.28 -6.96
C GLU B 38 -1.48 8.16 -7.61
N GLU B 39 -1.57 7.02 -6.93
CA GLU B 39 -2.29 5.85 -7.43
C GLU B 39 -3.75 6.17 -7.72
N LEU B 40 -4.37 6.98 -6.87
CA LEU B 40 -5.75 7.41 -7.01
C LEU B 40 -5.89 8.65 -7.89
N ARG B 41 -4.79 9.16 -8.44
CA ARG B 41 -4.80 10.35 -9.29
C ARG B 41 -5.29 11.59 -8.55
N LEU B 42 -5.12 11.60 -7.23
CA LEU B 42 -5.43 12.80 -6.45
C LEU B 42 -4.30 13.81 -6.47
N LEU B 43 -3.05 13.33 -6.58
CA LEU B 43 -1.90 14.22 -6.47
C LEU B 43 -1.92 15.30 -7.55
N SER B 44 -2.23 14.90 -8.79
CA SER B 44 -2.22 15.85 -9.89
C SER B 44 -3.36 16.86 -9.81
N ARG B 45 -4.37 16.58 -8.98
CA ARG B 45 -5.49 17.48 -8.79
C ARG B 45 -5.20 18.56 -7.74
N CYS B 46 -4.12 18.39 -6.99
CA CYS B 46 -3.70 19.33 -5.96
C CYS B 46 -2.61 20.24 -6.48
N HIS B 47 -2.52 21.44 -5.90
CA HIS B 47 -1.39 22.30 -6.11
C HIS B 47 -0.28 21.94 -5.13
N ARG B 48 0.91 21.66 -5.64
CA ARG B 48 2.01 21.25 -4.79
C ARG B 48 2.60 22.48 -4.10
N ILE B 49 2.55 22.48 -2.77
CA ILE B 49 3.10 23.55 -1.95
C ILE B 49 4.52 23.13 -1.56
N PRO B 50 5.52 23.99 -1.74
CA PRO B 50 6.89 23.56 -1.45
C PRO B 50 7.13 23.44 0.05
N ALA B 51 7.94 22.45 0.42
CA ALA B 51 8.39 22.29 1.78
C ALA B 51 9.53 23.26 2.09
N ARG B 52 9.69 23.56 3.37
CA ARG B 52 10.84 24.36 3.82
C ARG B 52 11.11 24.03 5.28
N LEU B 53 12.30 24.40 5.72
CA LEU B 53 12.66 24.26 7.13
C LEU B 53 12.05 25.40 7.93
N ALA B 54 11.38 25.06 9.03
CA ALA B 54 11.08 26.06 10.04
C ALA B 54 12.38 26.65 10.58
N THR B 55 12.30 27.88 11.08
CA THR B 55 13.45 28.54 11.69
C THR B 55 13.40 28.36 13.21
N GLU B 56 14.55 28.57 13.84
CA GLU B 56 14.58 28.53 15.30
C GLU B 56 13.67 29.59 15.90
N GLU B 57 13.60 30.77 15.28
CA GLU B 57 12.68 31.79 15.76
C GLU B 57 11.24 31.32 15.70
N GLU B 58 10.87 30.60 14.63
CA GLU B 58 9.52 30.06 14.54
C GLU B 58 9.27 29.01 15.62
N LEU B 59 10.27 28.18 15.92
CA LEU B 59 10.08 27.18 16.98
C LEU B 59 9.81 27.83 18.32
N ALA B 60 10.37 29.03 18.55
CA ALA B 60 10.18 29.72 19.81
C ALA B 60 8.75 30.25 19.99
N LEU B 61 7.92 30.17 18.95
CA LEU B 61 6.50 30.48 19.12
C LEU B 61 5.84 29.60 20.17
N CYS B 62 6.28 28.34 20.28
CA CYS B 62 5.76 27.44 21.30
C CYS B 62 6.80 26.78 22.19
N HIS B 63 8.08 26.76 21.83
CA HIS B 63 9.05 25.95 22.55
C HIS B 63 10.12 26.80 23.23
N SER B 64 10.64 26.27 24.34
CA SER B 64 11.67 26.95 25.11
C SER B 64 13.01 26.86 24.40
N SER B 65 13.90 27.80 24.73
CA SER B 65 15.24 27.80 24.13
C SER B 65 16.02 26.55 24.52
N LYS B 66 15.85 26.09 25.75
CA LYS B 66 16.54 24.88 26.21
C LYS B 66 16.14 23.68 25.37
N HIS B 67 14.85 23.52 25.11
CA HIS B 67 14.36 22.39 24.35
C HIS B 67 14.82 22.47 22.89
N ILE B 68 14.70 23.64 22.28
CA ILE B 68 15.17 23.83 20.90
C ILE B 68 16.65 23.49 20.80
N SER B 69 17.45 24.00 21.74
CA SER B 69 18.89 23.81 21.68
C SER B 69 19.29 22.34 21.80
N ILE B 70 18.67 21.59 22.71
CA ILE B 70 19.09 20.21 22.89
C ILE B 70 18.70 19.35 21.69
N ILE B 71 17.50 19.54 21.15
CA ILE B 71 17.12 18.78 19.95
C ILE B 71 17.98 19.20 18.76
N LYS B 72 18.26 20.50 18.62
CA LYS B 72 19.14 20.97 17.56
C LYS B 72 20.51 20.31 17.63
N SER B 73 21.03 20.12 18.85
CA SER B 73 22.36 19.54 19.02
C SER B 73 22.43 18.07 18.60
N SER B 74 21.30 17.38 18.51
CA SER B 74 21.34 15.96 18.18
C SER B 74 21.82 15.72 16.74
N GLU B 75 21.79 16.74 15.89
CA GLU B 75 22.27 16.58 14.52
C GLU B 75 23.74 16.16 14.48
N HIS B 76 24.52 16.55 15.49
CA HIS B 76 25.96 16.26 15.51
C HIS B 76 26.35 15.28 16.60
N MET B 77 25.39 14.53 17.14
CA MET B 77 25.65 13.62 18.23
C MET B 77 26.14 12.28 17.72
N LYS B 78 26.92 11.60 18.57
CA LYS B 78 27.34 10.24 18.32
C LYS B 78 26.21 9.29 18.69
N PRO B 79 26.24 8.06 18.17
CA PRO B 79 25.14 7.11 18.48
C PRO B 79 24.83 6.98 19.96
N ARG B 80 25.84 6.85 20.82
CA ARG B 80 25.56 6.74 22.25
C ARG B 80 24.88 8.00 22.77
N ASP B 81 25.30 9.17 22.29
CA ASP B 81 24.64 10.41 22.70
C ASP B 81 23.17 10.39 22.29
N LEU B 82 22.89 9.94 21.07
CA LEU B 82 21.51 9.88 20.57
C LEU B 82 20.66 8.91 21.39
N ASN B 83 21.21 7.73 21.70
CA ASN B 83 20.45 6.74 22.47
C ASN B 83 20.13 7.26 23.87
N ARG B 84 21.12 7.84 24.54
CA ARG B 84 20.91 8.34 25.90
C ARG B 84 19.92 9.51 25.90
N LEU B 85 20.08 10.44 24.96
CA LEU B 85 19.16 11.59 24.90
C LEU B 85 17.74 11.12 24.64
N GLY B 86 17.56 10.22 23.67
CA GLY B 86 16.23 9.71 23.39
C GLY B 86 15.59 9.06 24.60
N ASP B 87 16.39 8.33 25.39
CA ASP B 87 15.86 7.62 26.55
C ASP B 87 15.56 8.54 27.72
N GLU B 88 15.91 9.83 27.64
CA GLU B 88 15.46 10.78 28.66
C GLU B 88 13.99 11.11 28.52
N TYR B 89 13.39 10.85 27.36
CA TYR B 89 12.01 11.18 27.09
C TYR B 89 11.14 9.92 27.13
N ASN B 90 9.83 10.14 27.17
CA ASN B 90 8.85 9.06 27.04
C ASN B 90 8.67 8.78 25.55
N SER B 91 9.11 7.60 25.11
CA SER B 91 8.81 7.09 23.77
C SER B 91 9.35 7.98 22.64
N ILE B 92 10.67 8.17 22.65
CA ILE B 92 11.37 8.95 21.63
C ILE B 92 12.58 8.17 21.15
N PHE B 93 12.77 8.09 19.82
CA PHE B 93 14.04 7.73 19.21
C PHE B 93 14.56 8.90 18.40
N ILE B 94 15.89 9.03 18.32
CA ILE B 94 16.53 10.15 17.65
C ILE B 94 17.66 9.64 16.76
N SER B 95 17.74 10.17 15.55
CA SER B 95 18.90 9.98 14.68
C SER B 95 19.50 11.33 14.35
N ASN B 96 20.63 11.34 13.63
CA ASN B 96 21.24 12.62 13.27
C ASN B 96 20.36 13.44 12.34
N GLU B 97 19.34 12.85 11.74
CA GLU B 97 18.46 13.55 10.81
C GLU B 97 17.17 14.04 11.46
N SER B 98 16.92 13.68 12.73
CA SER B 98 15.62 13.91 13.34
C SER B 98 15.28 15.39 13.43
N TYR B 99 16.23 16.19 13.89
CA TYR B 99 15.96 17.62 14.06
C TYR B 99 15.55 18.27 12.74
N THR B 100 16.33 18.03 11.68
CA THR B 100 16.00 18.61 10.38
C THR B 100 14.65 18.13 9.87
N CYS B 101 14.32 16.86 10.10
CA CYS B 101 13.02 16.36 9.68
C CYS B 101 11.88 17.05 10.43
N ALA B 102 12.06 17.26 11.73
CA ALA B 102 11.05 17.97 12.49
C ALA B 102 10.91 19.41 12.00
N LEU B 103 12.02 20.07 11.66
CA LEU B 103 11.95 21.40 11.08
C LEU B 103 11.19 21.37 9.76
N LEU B 104 11.42 20.34 8.95
N LEU B 104 11.41 20.32 8.96
CA LEU B 104 10.75 20.24 7.66
CA LEU B 104 10.75 20.23 7.66
C LEU B 104 9.25 20.04 7.84
C LEU B 104 9.25 19.99 7.79
N ALA B 105 8.85 19.19 8.79
CA ALA B 105 7.44 18.97 9.03
C ALA B 105 6.75 20.28 9.40
N ALA B 106 7.39 21.07 10.27
CA ALA B 106 6.80 22.33 10.71
C ALA B 106 6.77 23.35 9.58
N GLY B 107 7.89 23.54 8.88
CA GLY B 107 7.93 24.53 7.82
C GLY B 107 6.98 24.22 6.68
N SER B 108 6.83 22.93 6.38
CA SER B 108 5.84 22.50 5.38
C SER B 108 4.45 22.98 5.77
N CYS B 109 4.11 22.86 7.05
CA CYS B 109 2.79 23.29 7.50
C CYS B 109 2.67 24.81 7.52
N PHE B 110 3.74 25.52 7.86
CA PHE B 110 3.71 26.98 7.78
C PHE B 110 3.41 27.43 6.36
N ASN B 111 4.10 26.85 5.38
CA ASN B 111 3.86 27.22 3.98
C ASN B 111 2.42 26.92 3.58
N SER B 112 1.87 25.82 4.08
CA SER B 112 0.48 25.47 3.75
C SER B 112 -0.48 26.47 4.39
N ALA B 113 -0.28 26.79 5.67
CA ALA B 113 -1.14 27.77 6.32
C ALA B 113 -1.06 29.12 5.62
N GLN B 114 0.14 29.51 5.20
CA GLN B 114 0.30 30.78 4.50
C GLN B 114 -0.44 30.77 3.17
N ALA B 115 -0.39 29.64 2.44
CA ALA B 115 -1.12 29.53 1.18
C ALA B 115 -2.62 29.67 1.41
N ILE B 116 -3.13 29.08 2.48
CA ILE B 116 -4.55 29.21 2.81
C ILE B 116 -4.88 30.64 3.18
N LEU B 117 -4.05 31.25 4.03
CA LEU B 117 -4.37 32.55 4.60
C LEU B 117 -4.16 33.69 3.62
N THR B 118 -3.37 33.50 2.55
CA THR B 118 -3.27 34.49 1.51
C THR B 118 -4.21 34.22 0.34
N GLY B 119 -5.03 33.17 0.42
CA GLY B 119 -5.99 32.90 -0.63
C GLY B 119 -5.42 32.19 -1.85
N GLN B 120 -4.22 31.64 -1.75
CA GLN B 120 -3.65 30.90 -2.87
C GLN B 120 -4.34 29.55 -3.05
N VAL B 121 -4.72 28.91 -1.95
CA VAL B 121 -5.49 27.68 -1.95
C VAL B 121 -6.64 27.84 -0.96
N ARG B 122 -7.68 27.02 -1.13
CA ARG B 122 -8.78 27.02 -0.18
C ARG B 122 -8.47 26.18 1.04
N ASN B 123 -7.86 25.03 0.82
CA ASN B 123 -7.56 24.08 1.89
C ASN B 123 -6.29 23.33 1.50
N ALA B 124 -5.78 22.49 2.42
CA ALA B 124 -4.53 21.82 2.14
C ALA B 124 -4.35 20.59 3.02
N VAL B 125 -3.48 19.69 2.56
CA VAL B 125 -3.08 18.49 3.30
C VAL B 125 -1.56 18.47 3.42
N ALA B 126 -1.06 18.06 4.58
CA ALA B 126 0.39 18.02 4.86
C ALA B 126 0.77 16.60 5.26
N ILE B 127 1.52 15.93 4.40
CA ILE B 127 1.97 14.55 4.61
C ILE B 127 3.36 14.66 5.23
N VAL B 128 3.42 14.73 6.57
CA VAL B 128 4.64 15.07 7.30
C VAL B 128 4.93 14.07 8.42
N ARG B 129 6.22 13.93 8.75
CA ARG B 129 6.68 13.23 9.93
C ARG B 129 8.04 13.81 10.31
N PRO B 130 8.48 13.66 11.58
CA PRO B 130 7.80 13.04 12.73
C PRO B 130 6.56 13.83 13.15
N PRO B 131 5.67 13.19 13.91
CA PRO B 131 4.45 13.88 14.35
C PRO B 131 4.72 14.95 15.41
N GLY B 132 3.68 15.61 15.88
CA GLY B 132 3.85 16.78 16.73
C GLY B 132 3.08 16.88 18.03
N HIS B 133 1.89 16.27 18.13
CA HIS B 133 0.94 16.73 19.15
C HIS B 133 1.28 16.32 20.58
N HIS B 134 2.20 15.38 20.79
CA HIS B 134 2.65 15.08 22.15
C HIS B 134 3.76 16.00 22.64
N ALA B 135 4.37 16.80 21.75
CA ALA B 135 5.48 17.65 22.13
C ALA B 135 4.99 18.83 22.96
N GLU B 136 5.65 19.07 24.08
CA GLU B 136 5.35 20.16 24.99
C GLU B 136 6.29 21.32 24.76
N LYS B 137 5.97 22.45 25.40
CA LYS B 137 6.85 23.61 25.33
C LYS B 137 8.31 23.22 25.59
N ASP B 138 8.53 22.39 26.62
CA ASP B 138 9.87 22.13 27.12
C ASP B 138 10.35 20.69 26.92
N THR B 139 9.61 19.84 26.21
CA THR B 139 10.04 18.45 26.14
C THR B 139 9.47 17.74 24.93
N ALA B 140 10.18 16.71 24.49
CA ALA B 140 9.74 15.80 23.44
C ALA B 140 9.02 14.61 24.07
N CYS B 141 8.17 13.97 23.28
CA CYS B 141 7.38 12.85 23.82
C CYS B 141 6.63 12.15 22.69
N GLY B 142 6.49 10.84 22.83
CA GLY B 142 5.58 10.09 21.99
C GLY B 142 5.81 10.29 20.50
N PHE B 143 7.07 10.19 20.09
CA PHE B 143 7.53 10.28 18.70
C PHE B 143 7.59 11.72 18.21
N CYS B 144 7.29 12.71 19.05
CA CYS B 144 7.12 14.09 18.65
C CYS B 144 8.22 14.96 19.25
N PHE B 145 8.83 15.80 18.42
CA PHE B 145 9.88 16.70 18.90
C PHE B 145 9.39 18.13 19.10
N PHE B 146 8.73 18.68 18.11
CA PHE B 146 8.13 20.01 18.18
C PHE B 146 6.66 19.90 17.80
N ASN B 147 5.84 20.77 18.38
CA ASN B 147 4.40 20.62 18.20
C ASN B 147 3.98 21.33 16.91
N THR B 148 4.03 20.58 15.81
CA THR B 148 3.78 21.12 14.48
C THR B 148 2.44 21.85 14.39
N ALA B 149 1.36 21.23 14.89
CA ALA B 149 0.06 21.86 14.78
C ALA B 149 -0.02 23.12 15.64
N ALA B 150 0.50 23.05 16.87
CA ALA B 150 0.51 24.24 17.72
C ALA B 150 1.34 25.36 17.12
N LEU B 151 2.51 25.03 16.60
CA LEU B 151 3.34 26.01 15.93
C LEU B 151 2.62 26.63 14.75
N THR B 152 1.88 25.81 14.00
CA THR B 152 1.18 26.33 12.82
C THR B 152 0.09 27.32 13.23
N ALA B 153 -0.62 27.05 14.33
CA ALA B 153 -1.61 27.98 14.82
C ALA B 153 -0.97 29.32 15.17
N ARG B 154 0.15 29.30 15.89
CA ARG B 154 0.83 30.54 16.24
C ARG B 154 1.41 31.22 15.00
N TYR B 155 1.96 30.42 14.08
CA TYR B 155 2.46 30.99 12.84
C TYR B 155 1.35 31.69 12.08
N ALA B 156 0.17 31.05 12.01
CA ALA B 156 -0.98 31.66 11.36
C ALA B 156 -1.33 33.00 11.99
N GLN B 157 -1.32 33.06 13.32
CA GLN B 157 -1.56 34.33 14.01
C GLN B 157 -0.48 35.35 13.69
N SER B 158 0.78 34.92 13.56
CA SER B 158 1.87 35.86 13.32
C SER B 158 1.78 36.52 11.94
N ILE B 159 1.14 35.87 10.96
CA ILE B 159 1.01 36.46 9.63
C ILE B 159 -0.35 37.08 9.39
N THR B 160 -1.22 37.10 10.41
CA THR B 160 -2.51 37.76 10.29
C THR B 160 -2.69 38.73 11.45
N ARG B 161 -3.29 38.26 12.55
CA ARG B 161 -3.40 39.03 13.77
C ARG B 161 -3.33 38.09 14.95
N GLU B 162 -2.92 38.63 16.10
CA GLU B 162 -2.71 37.81 17.29
C GLU B 162 -3.98 37.07 17.71
N SER B 163 -5.15 37.67 17.49
CA SER B 163 -6.41 37.11 17.94
C SER B 163 -7.10 36.21 16.91
N LEU B 164 -6.43 35.90 15.80
CA LEU B 164 -7.04 35.02 14.80
C LEU B 164 -7.53 33.74 15.46
N ARG B 165 -8.80 33.41 15.24
CA ARG B 165 -9.41 32.25 15.89
C ARG B 165 -9.05 30.98 15.14
N VAL B 166 -8.27 30.13 15.79
CA VAL B 166 -7.84 28.86 15.20
C VAL B 166 -8.48 27.72 15.98
N LEU B 167 -9.16 26.83 15.27
CA LEU B 167 -9.67 25.58 15.82
C LEU B 167 -8.71 24.47 15.46
N ILE B 168 -8.28 23.70 16.46
CA ILE B 168 -7.52 22.47 16.22
C ILE B 168 -8.42 21.31 16.60
N VAL B 169 -8.74 20.45 15.63
CA VAL B 169 -9.45 19.20 15.89
C VAL B 169 -8.45 18.07 15.80
N ASP B 170 -8.29 17.32 16.88
CA ASP B 170 -7.26 16.29 17.00
C ASP B 170 -7.99 14.95 17.04
N TRP B 171 -8.01 14.25 15.90
CA TRP B 171 -8.66 12.96 15.83
C TRP B 171 -7.70 11.78 15.83
N ASP B 172 -6.41 12.03 16.03
CA ASP B 172 -5.49 10.97 16.41
C ASP B 172 -6.08 10.23 17.63
N VAL B 173 -5.86 8.92 17.70
CA VAL B 173 -6.44 8.12 18.76
C VAL B 173 -5.90 8.49 20.14
N HIS B 174 -4.76 9.16 20.19
CA HIS B 174 -4.14 9.58 21.44
C HIS B 174 -4.47 11.03 21.75
N HIS B 175 -4.50 11.34 23.04
CA HIS B 175 -4.68 12.72 23.46
C HIS B 175 -3.46 13.54 23.11
N GLY B 176 -3.68 14.69 22.49
CA GLY B 176 -2.60 15.61 22.20
C GLY B 176 -2.21 16.45 23.42
N ASN B 177 -1.55 15.81 24.38
CA ASN B 177 -1.23 16.48 25.65
C ASN B 177 -0.46 17.77 25.41
N GLY B 178 0.45 17.76 24.43
CA GLY B 178 1.25 18.96 24.18
C GLY B 178 0.40 20.11 23.69
N THR B 179 -0.51 19.83 22.75
CA THR B 179 -1.37 20.87 22.22
C THR B 179 -2.30 21.43 23.30
N GLN B 180 -2.88 20.55 24.10
CA GLN B 180 -3.74 21.02 25.19
C GLN B 180 -2.95 21.96 26.11
N HIS B 181 -1.75 21.56 26.51
CA HIS B 181 -0.98 22.34 27.46
C HIS B 181 -0.54 23.68 26.88
N ILE B 182 -0.10 23.67 25.61
CA ILE B 182 0.36 24.91 24.98
C ILE B 182 -0.75 25.95 24.96
N PHE B 183 -2.00 25.52 24.71
CA PHE B 183 -3.11 26.45 24.57
C PHE B 183 -4.05 26.44 25.76
N GLU B 184 -3.66 25.82 26.88
CA GLU B 184 -4.60 25.60 27.98
C GLU B 184 -5.14 26.92 28.51
N GLU B 185 -4.34 27.98 28.50
CA GLU B 185 -4.75 29.28 29.01
C GLU B 185 -5.06 30.26 27.88
N ASP B 186 -5.47 29.76 26.73
CA ASP B 186 -5.65 30.57 25.53
C ASP B 186 -7.07 30.41 25.00
N ASP B 187 -7.73 31.54 24.76
CA ASP B 187 -9.07 31.55 24.18
C ASP B 187 -9.05 31.82 22.67
N SER B 188 -7.87 32.06 22.08
CA SER B 188 -7.78 32.26 20.64
C SER B 188 -7.61 30.97 19.86
N VAL B 189 -7.23 29.88 20.53
CA VAL B 189 -7.06 28.58 19.91
C VAL B 189 -7.93 27.60 20.68
N LEU B 190 -9.00 27.15 20.04
CA LEU B 190 -9.89 26.14 20.60
C LEU B 190 -9.32 24.76 20.25
N TYR B 191 -9.08 23.94 21.27
CA TYR B 191 -8.55 22.60 21.09
C TYR B 191 -9.66 21.59 21.39
N ILE B 192 -9.96 20.74 20.41
CA ILE B 192 -10.93 19.67 20.57
C ILE B 192 -10.24 18.37 20.22
N SER B 193 -10.14 17.47 21.20
CA SER B 193 -9.50 16.18 21.01
C SER B 193 -10.50 15.06 21.28
N LEU B 194 -10.53 14.08 20.39
CA LEU B 194 -11.18 12.79 20.64
C LEU B 194 -10.07 11.77 20.83
N HIS B 195 -10.19 10.90 21.83
CA HIS B 195 -9.07 10.01 22.09
C HIS B 195 -9.50 8.83 22.95
N ARG B 196 -8.85 7.70 22.71
CA ARG B 196 -8.96 6.58 23.62
C ARG B 196 -8.34 6.96 24.97
N TYR B 197 -9.10 6.75 26.03
CA TYR B 197 -8.71 7.18 27.37
C TYR B 197 -8.58 6.02 28.34
N GLU B 198 -9.59 5.17 28.43
CA GLU B 198 -9.58 4.02 29.34
C GLU B 198 -9.27 4.41 30.78
N ASP B 199 -9.95 5.46 31.26
CA ASP B 199 -9.80 5.92 32.64
C ASP B 199 -8.34 6.27 32.96
N GLY B 200 -7.63 6.77 31.95
CA GLY B 200 -6.24 7.16 32.12
C GLY B 200 -5.21 6.08 31.88
N ALA B 201 -5.62 4.86 31.51
CA ALA B 201 -4.69 3.77 31.30
C ALA B 201 -4.11 3.72 29.88
N PHE B 202 -4.60 4.54 28.96
CA PHE B 202 -4.10 4.55 27.60
C PHE B 202 -3.09 5.68 27.43
N PHE B 203 -2.07 5.42 26.61
CA PHE B 203 -1.03 6.42 26.37
C PHE B 203 -1.66 7.73 25.92
N PRO B 204 -1.20 8.89 26.42
CA PRO B 204 -0.03 9.10 27.31
C PRO B 204 -0.25 8.97 28.83
N ASN B 205 -1.33 8.29 29.24
CA ASN B 205 -1.48 7.81 30.61
C ASN B 205 -1.67 8.93 31.64
N SER B 206 -2.41 9.97 31.27
CA SER B 206 -2.61 11.12 32.14
C SER B 206 -4.07 11.50 32.22
N GLU B 207 -4.54 11.80 33.43
CA GLU B 207 -5.89 12.30 33.63
C GLU B 207 -6.10 13.71 33.05
N ASP B 208 -5.03 14.35 32.55
CA ASP B 208 -5.19 15.59 31.79
C ASP B 208 -6.13 15.42 30.62
N ALA B 209 -6.29 14.20 30.10
CA ALA B 209 -7.11 13.93 28.92
C ALA B 209 -8.58 13.75 29.23
N ASN B 210 -8.99 13.85 30.50
CA ASN B 210 -10.38 13.60 30.84
C ASN B 210 -11.27 14.79 30.47
N TYR B 211 -12.58 14.54 30.45
CA TYR B 211 -13.54 15.52 29.96
C TYR B 211 -13.64 16.75 30.85
N ASP B 212 -13.23 16.65 32.12
CA ASP B 212 -13.37 17.77 33.03
C ASP B 212 -12.26 18.79 32.91
N LYS B 213 -11.29 18.58 32.02
CA LYS B 213 -10.23 19.55 31.79
C LYS B 213 -10.69 20.48 30.68
N VAL B 214 -11.20 21.65 31.08
CA VAL B 214 -11.88 22.56 30.16
C VAL B 214 -11.04 23.77 29.80
N GLY B 215 -9.79 23.83 30.26
CA GLY B 215 -8.95 24.99 30.10
C GLY B 215 -8.82 25.78 31.39
N LEU B 216 -7.93 26.77 31.36
CA LEU B 216 -7.58 27.53 32.55
C LEU B 216 -7.52 29.03 32.24
N GLY B 217 -7.82 29.84 33.25
CA GLY B 217 -7.73 31.28 33.07
C GLY B 217 -8.63 31.75 31.94
N LYS B 218 -8.09 32.59 31.06
CA LYS B 218 -8.88 33.06 29.94
C LYS B 218 -9.27 31.94 28.98
N GLY B 219 -8.61 30.78 29.09
CA GLY B 219 -8.90 29.62 28.28
C GLY B 219 -10.00 28.71 28.79
N ARG B 220 -10.68 29.07 29.88
CA ARG B 220 -11.74 28.20 30.38
C ARG B 220 -12.84 28.08 29.34
N GLY B 221 -13.17 26.83 28.97
CA GLY B 221 -14.13 26.53 27.92
C GLY B 221 -13.52 26.25 26.57
N TYR B 222 -12.24 26.54 26.38
CA TYR B 222 -11.60 26.45 25.08
C TYR B 222 -10.72 25.22 24.94
N ASN B 223 -10.92 24.24 25.82
CA ASN B 223 -10.29 22.93 25.71
C ASN B 223 -11.38 21.88 25.89
N VAL B 224 -11.59 21.07 24.86
CA VAL B 224 -12.66 20.08 24.82
C VAL B 224 -12.05 18.69 24.62
N ASN B 225 -12.07 17.88 25.67
CA ASN B 225 -11.59 16.50 25.61
C ASN B 225 -12.78 15.55 25.52
N ILE B 226 -12.77 14.69 24.50
CA ILE B 226 -13.80 13.68 24.31
C ILE B 226 -13.14 12.32 24.52
N PRO B 227 -13.18 11.78 25.74
CA PRO B 227 -12.41 10.57 26.05
C PRO B 227 -13.24 9.30 25.95
N TRP B 228 -12.70 8.29 25.28
CA TRP B 228 -13.41 7.03 25.07
C TRP B 228 -12.96 5.99 26.09
N ASN B 229 -13.93 5.28 26.65
CA ASN B 229 -13.66 4.20 27.60
C ASN B 229 -14.45 2.97 27.21
N GLY B 230 -13.81 1.81 27.34
CA GLY B 230 -14.50 0.53 27.24
C GLY B 230 -15.24 0.27 25.95
N GLY B 231 -14.53 0.31 24.83
CA GLY B 231 -15.18 0.01 23.57
C GLY B 231 -14.28 0.21 22.37
N LYS B 232 -14.45 -0.64 21.38
CA LYS B 232 -13.74 -0.51 20.10
C LYS B 232 -14.51 0.50 19.27
N MET B 233 -14.18 1.78 19.46
CA MET B 233 -14.96 2.84 18.85
C MET B 233 -14.67 2.94 17.36
N GLY B 234 -15.65 3.45 16.62
CA GLY B 234 -15.57 3.50 15.16
C GLY B 234 -16.44 4.61 14.62
N ASP B 235 -16.86 4.45 13.36
CA ASP B 235 -17.63 5.51 12.69
C ASP B 235 -18.84 5.99 13.46
N PRO B 236 -19.72 5.12 13.99
CA PRO B 236 -20.91 5.63 14.69
C PRO B 236 -20.57 6.54 15.85
N GLU B 237 -19.55 6.17 16.62
CA GLU B 237 -19.17 6.95 17.79
C GLU B 237 -18.56 8.29 17.40
N TYR B 238 -17.72 8.31 16.36
CA TYR B 238 -17.11 9.56 15.95
C TYR B 238 -18.12 10.50 15.30
N MET B 239 -19.05 9.95 14.50
CA MET B 239 -20.12 10.77 13.94
C MET B 239 -21.00 11.35 15.04
N ALA B 240 -21.31 10.56 16.07
CA ALA B 240 -22.12 11.04 17.18
C ALA B 240 -21.41 12.16 17.94
N ALA B 241 -20.10 12.02 18.16
CA ALA B 241 -19.34 13.07 18.83
C ALA B 241 -19.31 14.35 17.99
N PHE B 242 -19.19 14.21 16.67
CA PHE B 242 -19.20 15.41 15.81
C PHE B 242 -20.56 16.08 15.84
N HIS B 243 -21.63 15.29 15.82
CA HIS B 243 -22.97 15.87 15.79
C HIS B 243 -23.29 16.60 17.08
N HIS B 244 -22.99 16.01 18.23
CA HIS B 244 -23.40 16.56 19.51
C HIS B 244 -22.42 17.57 20.09
N LEU B 245 -21.12 17.46 19.75
CA LEU B 245 -20.07 18.23 20.41
C LEU B 245 -19.21 19.02 19.44
N VAL B 246 -18.48 18.36 18.55
CA VAL B 246 -17.45 19.03 17.77
C VAL B 246 -18.06 20.14 16.92
N MET B 247 -19.09 19.80 16.13
CA MET B 247 -19.67 20.78 15.21
C MET B 247 -20.42 21.91 15.93
N PRO B 248 -21.27 21.64 16.93
CA PRO B 248 -21.93 22.77 17.61
C PRO B 248 -20.96 23.73 18.27
N ILE B 249 -19.94 23.20 18.95
CA ILE B 249 -18.95 24.06 19.60
C ILE B 249 -18.15 24.82 18.55
N ALA B 250 -17.72 24.14 17.48
CA ALA B 250 -16.93 24.79 16.44
C ALA B 250 -17.71 25.91 15.76
N ARG B 251 -18.99 25.68 15.48
N ARG B 251 -18.99 25.67 15.47
CA ARG B 251 -19.81 26.72 14.85
CA ARG B 251 -19.81 26.72 14.85
C ARG B 251 -19.95 27.93 15.76
C ARG B 251 -19.93 27.94 15.76
N GLU B 252 -20.05 27.71 17.07
CA GLU B 252 -20.17 28.83 17.99
C GLU B 252 -18.87 29.61 18.10
N PHE B 253 -17.74 28.92 18.12
CA PHE B 253 -16.43 29.56 18.14
C PHE B 253 -16.17 30.35 16.85
N ALA B 254 -16.70 29.87 15.72
CA ALA B 254 -16.54 30.50 14.41
C ALA B 254 -15.08 30.69 14.08
N PRO B 255 -14.32 29.60 13.90
CA PRO B 255 -12.89 29.74 13.60
C PRO B 255 -12.67 30.43 12.26
N GLU B 256 -11.50 31.06 12.16
CA GLU B 256 -11.03 31.64 10.91
C GLU B 256 -10.05 30.73 10.19
N LEU B 257 -9.56 29.70 10.86
CA LEU B 257 -8.72 28.68 10.27
C LEU B 257 -8.93 27.39 11.07
N VAL B 258 -8.99 26.26 10.39
CA VAL B 258 -9.14 24.95 11.04
C VAL B 258 -7.89 24.14 10.73
N LEU B 259 -7.24 23.65 11.79
CA LEU B 259 -6.17 22.69 11.66
C LEU B 259 -6.66 21.36 12.16
N VAL B 260 -6.39 20.28 11.43
CA VAL B 260 -6.70 18.95 11.91
C VAL B 260 -5.39 18.27 12.29
N SER B 261 -5.26 17.91 13.55
CA SER B 261 -4.21 16.98 13.97
C SER B 261 -4.71 15.60 13.60
N ALA B 262 -4.40 15.21 12.37
CA ALA B 262 -5.01 14.04 11.74
C ALA B 262 -4.05 12.87 11.85
N GLY B 263 -4.03 12.26 13.03
CA GLY B 263 -3.49 10.92 13.12
C GLY B 263 -4.49 9.92 12.58
N PHE B 264 -3.98 8.81 12.07
CA PHE B 264 -4.85 7.77 11.54
C PHE B 264 -4.69 6.46 12.32
N ASP B 265 -4.38 6.58 13.61
CA ASP B 265 -4.23 5.42 14.47
C ASP B 265 -5.53 4.97 15.11
N ALA B 266 -6.63 5.72 14.94
CA ALA B 266 -7.94 5.18 15.27
C ALA B 266 -8.52 4.35 14.14
N ALA B 267 -7.75 4.13 13.07
CA ALA B 267 -8.25 3.44 11.90
C ALA B 267 -8.37 1.94 12.13
N ARG B 268 -9.38 1.36 11.47
CA ARG B 268 -9.45 -0.09 11.37
C ARG B 268 -8.12 -0.62 10.84
N GLY B 269 -7.53 -1.57 11.56
CA GLY B 269 -6.27 -2.17 11.18
C GLY B 269 -5.05 -1.62 11.89
N ASP B 270 -5.17 -0.51 12.63
CA ASP B 270 -3.98 0.03 13.27
C ASP B 270 -3.44 -0.94 14.31
N PRO B 271 -2.11 -1.13 14.39
CA PRO B 271 -1.56 -2.09 15.35
C PRO B 271 -1.58 -1.62 16.80
N LEU B 272 -1.86 -0.34 17.06
CA LEU B 272 -1.81 0.25 18.40
C LEU B 272 -3.14 0.78 18.89
N GLY B 273 -3.93 1.38 18.00
CA GLY B 273 -5.09 2.14 18.44
C GLY B 273 -6.22 1.27 18.96
N GLY B 274 -6.42 0.11 18.35
CA GLY B 274 -7.51 -0.77 18.75
C GLY B 274 -8.91 -0.28 18.41
N PHE B 275 -9.03 0.68 17.49
CA PHE B 275 -10.32 1.23 17.07
C PHE B 275 -10.61 0.82 15.62
N GLN B 276 -11.73 1.29 15.08
CA GLN B 276 -12.19 0.82 13.77
C GLN B 276 -12.85 1.91 12.92
N VAL B 277 -12.34 3.15 13.01
CA VAL B 277 -12.79 4.19 12.09
C VAL B 277 -12.37 3.79 10.67
N THR B 278 -13.30 3.90 9.73
CA THR B 278 -13.06 3.51 8.35
C THR B 278 -12.58 4.70 7.53
N PRO B 279 -12.03 4.46 6.33
CA PRO B 279 -11.66 5.62 5.48
C PRO B 279 -12.86 6.48 5.13
N GLU B 280 -14.02 5.86 4.92
CA GLU B 280 -15.24 6.62 4.68
C GLU B 280 -15.61 7.45 5.90
N GLY B 281 -15.36 6.93 7.11
CA GLY B 281 -15.59 7.70 8.31
C GLY B 281 -14.74 8.97 8.36
N TYR B 282 -13.44 8.83 8.09
CA TYR B 282 -12.58 10.00 8.06
C TYR B 282 -13.02 10.97 6.98
N ALA B 283 -13.50 10.46 5.85
CA ALA B 283 -14.01 11.35 4.80
C ALA B 283 -15.19 12.17 5.30
N HIS B 284 -16.10 11.53 6.04
CA HIS B 284 -17.25 12.28 6.56
C HIS B 284 -16.81 13.33 7.59
N LEU B 285 -15.86 12.99 8.45
CA LEU B 285 -15.36 13.97 9.41
C LEU B 285 -14.74 15.17 8.69
N THR B 286 -13.91 14.90 7.68
CA THR B 286 -13.33 15.99 6.89
C THR B 286 -14.42 16.86 6.27
N HIS B 287 -15.40 16.23 5.63
CA HIS B 287 -16.46 16.97 4.96
C HIS B 287 -17.20 17.87 5.94
N GLN B 288 -17.43 17.40 7.17
CA GLN B 288 -18.10 18.26 8.14
C GLN B 288 -17.23 19.46 8.52
N LEU B 289 -15.93 19.24 8.70
CA LEU B 289 -15.06 20.35 9.07
C LEU B 289 -14.95 21.38 7.94
N MET B 290 -15.15 20.95 6.69
CA MET B 290 -15.06 21.88 5.56
C MET B 290 -16.16 22.93 5.58
N SER B 291 -17.22 22.71 6.37
CA SER B 291 -18.27 23.70 6.54
C SER B 291 -17.88 24.85 7.45
N LEU B 292 -16.71 24.78 8.08
CA LEU B 292 -16.23 25.79 9.01
C LEU B 292 -15.18 26.68 8.35
N ALA B 293 -15.04 27.89 8.87
CA ALA B 293 -13.96 28.80 8.49
C ALA B 293 -13.93 29.09 6.99
N ALA B 294 -15.11 29.10 6.36
CA ALA B 294 -15.20 29.32 4.91
C ALA B 294 -14.36 28.31 4.14
N GLY B 295 -14.23 27.10 4.70
CA GLY B 295 -13.51 26.02 4.05
C GLY B 295 -12.02 26.01 4.29
N ARG B 296 -11.49 26.93 5.10
CA ARG B 296 -10.05 27.05 5.30
C ARG B 296 -9.58 25.99 6.31
N VAL B 297 -9.23 24.82 5.79
CA VAL B 297 -8.89 23.64 6.58
C VAL B 297 -7.52 23.13 6.13
N LEU B 298 -6.64 22.89 7.10
CA LEU B 298 -5.34 22.26 6.85
C LEU B 298 -5.26 20.95 7.63
N ILE B 299 -5.11 19.85 6.91
CA ILE B 299 -5.04 18.52 7.51
C ILE B 299 -3.57 18.15 7.68
N ILE B 300 -3.14 17.88 8.91
CA ILE B 300 -1.73 17.64 9.24
C ILE B 300 -1.60 16.21 9.78
N LEU B 301 -0.77 15.39 9.12
CA LEU B 301 -0.55 14.02 9.58
C LEU B 301 0.07 14.01 10.98
N GLU B 302 -0.52 13.23 11.88
CA GLU B 302 0.09 12.94 13.17
C GLU B 302 0.52 11.48 13.19
N GLY B 303 -0.13 10.64 14.00
CA GLY B 303 0.16 9.22 14.05
C GLY B 303 -0.63 8.39 13.05
N GLY B 304 -0.63 7.08 13.29
CA GLY B 304 -1.24 6.11 12.40
C GLY B 304 -0.19 5.17 11.83
N TYR B 305 -0.34 3.87 12.06
CA TYR B 305 0.78 2.94 11.93
C TYR B 305 0.52 1.72 11.07
N ASN B 306 -0.68 1.55 10.52
CA ASN B 306 -0.93 0.54 9.48
C ASN B 306 -0.76 1.28 8.16
N LEU B 307 0.30 0.95 7.43
CA LEU B 307 0.65 1.68 6.22
C LEU B 307 -0.51 1.72 5.22
N THR B 308 -1.18 0.58 5.03
CA THR B 308 -2.32 0.54 4.12
C THR B 308 -3.48 1.35 4.66
N SER B 309 -3.77 1.25 5.96
CA SER B 309 -4.89 1.99 6.54
C SER B 309 -4.68 3.50 6.45
N ILE B 310 -3.49 3.98 6.80
CA ILE B 310 -3.27 5.42 6.79
C ILE B 310 -3.28 5.96 5.38
N SER B 311 -2.79 5.17 4.43
CA SER B 311 -2.75 5.63 3.04
C SER B 311 -4.16 5.78 2.49
N GLU B 312 -5.01 4.79 2.73
CA GLU B 312 -6.39 4.89 2.28
C GLU B 312 -7.13 6.00 3.01
N SER B 313 -6.91 6.13 4.32
CA SER B 313 -7.69 7.07 5.11
C SER B 313 -7.33 8.52 4.76
N MET B 314 -6.02 8.83 4.71
CA MET B 314 -5.65 10.22 4.42
C MET B 314 -5.98 10.61 2.99
N SER B 315 -5.81 9.68 2.04
CA SER B 315 -6.18 10.01 0.66
C SER B 315 -7.67 10.29 0.53
N MET B 316 -8.50 9.60 1.32
CA MET B 316 -9.93 9.88 1.33
C MET B 316 -10.23 11.29 1.84
N CYS B 317 -9.48 11.74 2.85
CA CYS B 317 -9.64 13.10 3.32
C CYS B 317 -9.31 14.10 2.24
N THR B 318 -8.22 13.86 1.48
CA THR B 318 -7.86 14.77 0.40
C THR B 318 -8.95 14.79 -0.68
N SER B 319 -9.52 13.63 -0.98
CA SER B 319 -10.65 13.57 -1.91
C SER B 319 -11.78 14.50 -1.47
N MET B 320 -12.04 14.56 -0.17
CA MET B 320 -13.08 15.45 0.34
C MET B 320 -12.68 16.90 0.18
N LEU B 321 -11.43 17.24 0.53
CA LEU B 321 -10.95 18.61 0.35
C LEU B 321 -11.08 19.05 -1.11
N LEU B 322 -10.86 18.12 -2.05
CA LEU B 322 -10.95 18.41 -3.48
C LEU B 322 -12.38 18.57 -3.96
N GLY B 323 -13.36 18.31 -3.09
CA GLY B 323 -14.75 18.52 -3.41
C GLY B 323 -15.52 17.30 -3.84
N ASP B 324 -14.93 16.11 -3.74
CA ASP B 324 -15.61 14.90 -4.14
C ASP B 324 -16.74 14.59 -3.15
N SER B 325 -17.76 13.90 -3.64
CA SER B 325 -18.92 13.61 -2.81
C SER B 325 -18.54 12.60 -1.72
N PRO B 326 -19.05 12.78 -0.50
CA PRO B 326 -18.74 11.83 0.57
C PRO B 326 -19.23 10.44 0.21
N PRO B 327 -18.43 9.41 0.47
CA PRO B 327 -18.87 8.04 0.22
C PRO B 327 -19.83 7.57 1.29
N SER B 328 -20.61 6.56 0.95
CA SER B 328 -21.60 6.03 1.88
C SER B 328 -20.91 5.32 3.02
N LEU B 329 -21.46 5.45 4.23
CA LEU B 329 -20.96 4.78 5.40
C LEU B 329 -21.59 3.40 5.54
N ASP B 330 -21.14 2.64 6.54
CA ASP B 330 -21.71 1.31 6.82
C ASP B 330 -22.55 1.34 8.09
N LEU B 335 -24.61 2.08 17.82
CA LEU B 335 -23.84 3.04 18.63
C LEU B 335 -23.58 2.45 20.00
N LYS B 336 -22.31 2.42 20.41
CA LYS B 336 -21.95 1.82 21.68
C LYS B 336 -22.37 2.74 22.83
N THR B 337 -23.04 2.16 23.83
CA THR B 337 -23.61 2.95 24.91
C THR B 337 -22.53 3.67 25.72
N SER B 338 -21.34 3.08 25.84
CA SER B 338 -20.28 3.76 26.58
C SER B 338 -19.81 5.03 25.88
N ALA B 339 -19.92 5.08 24.55
CA ALA B 339 -19.61 6.32 23.84
C ALA B 339 -20.61 7.40 24.18
N THR B 340 -21.88 7.04 24.31
CA THR B 340 -22.90 8.01 24.70
C THR B 340 -22.66 8.51 26.12
N VAL B 341 -22.18 7.63 27.01
CA VAL B 341 -21.80 8.08 28.35
C VAL B 341 -20.72 9.15 28.28
N SER B 342 -19.69 8.92 27.46
CA SER B 342 -18.62 9.90 27.30
C SER B 342 -19.16 11.21 26.75
N ILE B 343 -20.00 11.14 25.71
CA ILE B 343 -20.52 12.34 25.08
C ILE B 343 -21.34 13.14 26.07
N ASN B 344 -22.16 12.47 26.86
CA ASN B 344 -22.97 13.15 27.87
C ASN B 344 -22.11 13.79 28.95
N ASN B 345 -20.99 13.16 29.31
CA ASN B 345 -20.09 13.78 30.30
C ASN B 345 -19.48 15.06 29.76
N VAL B 346 -19.10 15.07 28.48
CA VAL B 346 -18.53 16.28 27.88
C VAL B 346 -19.58 17.37 27.78
N LEU B 347 -20.81 17.00 27.39
CA LEU B 347 -21.89 17.98 27.30
C LEU B 347 -22.12 18.68 28.63
N ARG B 348 -22.11 17.91 29.72
CA ARG B 348 -22.27 18.52 31.04
C ARG B 348 -21.09 19.41 31.40
N ALA B 349 -19.88 19.01 31.01
CA ALA B 349 -18.70 19.80 31.33
C ALA B 349 -18.64 21.11 30.56
N HIS B 350 -19.21 21.15 29.35
CA HIS B 350 -19.05 22.31 28.49
C HIS B 350 -20.32 23.14 28.30
N ALA B 351 -21.47 22.65 28.76
CA ALA B 351 -22.66 23.48 28.81
C ALA B 351 -22.48 24.83 29.50
N PRO B 352 -21.64 24.96 30.54
CA PRO B 352 -21.42 26.31 31.10
C PRO B 352 -20.80 27.30 30.13
N PHE B 353 -20.09 26.83 29.10
CA PHE B 353 -19.32 27.72 28.25
C PHE B 353 -19.88 27.87 26.84
N TRP B 354 -20.73 26.97 26.38
CA TRP B 354 -21.19 26.96 25.00
C TRP B 354 -22.71 26.87 24.98
N SER B 355 -23.36 27.97 24.60
CA SER B 355 -24.82 28.02 24.61
C SER B 355 -25.45 27.07 23.59
N SER B 356 -24.72 26.72 22.52
CA SER B 356 -25.28 25.79 21.54
C SER B 356 -25.48 24.39 22.11
N LEU B 357 -24.96 24.09 23.29
CA LEU B 357 -25.10 22.79 23.93
C LEU B 357 -26.27 22.73 24.92
N ARG B 358 -26.84 23.87 25.29
CA ARG B 358 -27.93 23.90 26.26
C ARG B 358 -29.29 23.69 25.59
#